data_5NQ9
#
_entry.id   5NQ9
#
_cell.length_a   90.459
_cell.length_b   61.962
_cell.length_c   103.307
_cell.angle_alpha   90.00
_cell.angle_beta   109.82
_cell.angle_gamma   90.00
#
_symmetry.space_group_name_H-M   'P 1 21 1'
#
loop_
_entity.id
_entity.type
_entity.pdbx_description
1 polymer 'Laccase, izoform II'
2 branched alpha-D-mannopyranose-(1-6)-alpha-D-mannopyranose-(1-6)-alpha-D-mannopyranose-(1-4)-2-acetamido-2-deoxy-beta-D-glucopyranose-(1-4)-2-acetamido-2-deoxy-beta-D-glucopyranose
3 branched 2-acetamido-2-deoxy-beta-D-glucopyranose-(1-4)-2-acetamido-2-deoxy-beta-D-glucopyranose
4 branched beta-D-mannopyranose-(1-4)-2-acetamido-2-deoxy-beta-D-glucopyranose-(1-4)-2-acetamido-2-deoxy-beta-D-glucopyranose
5 non-polymer 'COPPER (II) ION'
6 non-polymer 'PEROXIDE ION'
7 non-polymer DI(HYDROXYETHYL)ETHER
8 non-polymer 'FORMIC ACID'
9 non-polymer 2-acetamido-2-deoxy-beta-D-glucopyranose
10 water water
#
_entity_poly.entity_id   1
_entity_poly.type   'polypeptide(L)'
_entity_poly.pdbx_seq_one_letter_code
;MSRFQSLLCFVLVSLAAVANAAIGPVADLTLTNAAVSPDGFSREAVVVNGVTPAPLISGQKGDRFQLNVIDNLTNHTMLK
TTSIHWHGFFQHGTNWADGPAFVNQCPIASGHSFLYDFQVPDQAGTFWYHSHLSTQYCDGLRGPFVVYDPNDPQASLYDI
DNDDTVITLADWYHVAAKLGPRFPPGSDATLINGLGRSPGTTAADLAVIKVTQGKRYRFRLVSLSCDPNHTFSIDGHTMT
IIEADSVNTQPLEVDSIQIFAAQRYSFVLDASQPVDNYWIRANPSFGNTGFAGGINSAILRYLGAPEIEPTTTQTTPTKP
LTEVDLHPLTPMAVPGRPEPGGVDKPLNMVFNFNGTNFFINNHSFVPPSVPVLLQILSGAQAAQDLVPEGSVYVLPSNSS
IEISFPATVNAPGAPHPFHLHGHTFAVVRSAGSSEYNYDNPIFRDVVSTGTPGDNVTIRFQTANPGPWFLHCHIDFHLDA
GFAVVMAEDTPDTTAANPVPQAWSDLCPIYDALDPSDL
;
_entity_poly.pdbx_strand_id   A,C
#
loop_
_chem_comp.id
_chem_comp.type
_chem_comp.name
_chem_comp.formula
BMA D-saccharide, beta linking beta-D-mannopyranose 'C6 H12 O6'
CU non-polymer 'COPPER (II) ION' 'Cu 2'
FMT non-polymer 'FORMIC ACID' 'C H2 O2'
MAN D-saccharide, alpha linking alpha-D-mannopyranose 'C6 H12 O6'
NAG D-saccharide, beta linking 2-acetamido-2-deoxy-beta-D-glucopyranose 'C8 H15 N O6'
PEG non-polymer DI(HYDROXYETHYL)ETHER 'C4 H10 O3'
PER non-polymer 'PEROXIDE ION' 'O2 -2'
#
# COMPACT_ATOMS: atom_id res chain seq x y z
N ALA A 22 4.64 -33.63 -6.84
CA ALA A 22 3.49 -33.55 -7.77
C ALA A 22 2.57 -34.61 -7.27
N ILE A 23 1.29 -34.31 -7.22
CA ILE A 23 0.29 -35.31 -6.86
C ILE A 23 -0.70 -35.30 -8.00
N GLY A 24 -1.54 -36.33 -8.03
CA GLY A 24 -2.47 -36.52 -9.12
C GLY A 24 -2.09 -37.64 -10.07
N PRO A 25 -2.98 -38.02 -10.99
CA PRO A 25 -4.19 -37.29 -11.25
C PRO A 25 -5.31 -37.55 -10.25
N VAL A 26 -5.11 -38.54 -9.37
CA VAL A 26 -6.09 -38.90 -8.31
C VAL A 26 -5.49 -38.55 -6.97
N ALA A 27 -6.20 -37.70 -6.22
CA ALA A 27 -5.67 -37.09 -5.00
C ALA A 27 -6.74 -36.43 -4.12
N ASP A 28 -6.52 -36.55 -2.80
CA ASP A 28 -7.21 -35.77 -1.78
C ASP A 28 -6.53 -34.40 -1.55
N LEU A 29 -7.33 -33.34 -1.40
CA LEU A 29 -6.83 -32.01 -1.06
C LEU A 29 -7.56 -31.60 0.19
N THR A 30 -6.87 -31.67 1.32
CA THR A 30 -7.46 -31.28 2.56
C THR A 30 -7.11 -29.82 2.81
N LEU A 31 -8.16 -29.05 3.05
CA LEU A 31 -8.02 -27.65 3.37
C LEU A 31 -8.17 -27.42 4.84
N THR A 32 -7.24 -26.67 5.43
CA THR A 32 -7.23 -26.34 6.87
C THR A 32 -6.75 -24.95 7.01
N ASN A 33 -6.89 -24.40 8.20
CA ASN A 33 -6.26 -23.13 8.52
C ASN A 33 -5.00 -23.39 9.33
N ALA A 34 -3.96 -22.62 9.03
CA ALA A 34 -2.70 -22.70 9.72
C ALA A 34 -1.95 -21.36 9.74
N ALA A 35 -0.93 -21.31 10.58
CA ALA A 35 -0.07 -20.18 10.65
C ALA A 35 1.08 -20.53 9.73
N VAL A 36 1.41 -19.56 8.89
CA VAL A 36 2.55 -19.65 8.02
C VAL A 36 3.48 -18.44 8.09
N SER A 37 4.77 -18.69 7.95
CA SER A 37 5.73 -17.60 7.92
C SER A 37 6.54 -17.50 6.59
N PRO A 38 5.85 -17.36 5.45
CA PRO A 38 6.51 -17.56 4.17
C PRO A 38 7.47 -16.46 3.84
N ASP A 39 7.32 -15.31 4.48
CA ASP A 39 8.22 -14.20 4.32
C ASP A 39 8.78 -13.87 5.68
N GLY A 40 8.94 -14.94 6.48
CA GLY A 40 9.28 -14.89 7.92
C GLY A 40 8.40 -14.05 8.83
N PHE A 41 7.18 -13.72 8.42
CA PHE A 41 6.22 -13.00 9.25
C PHE A 41 5.09 -14.01 9.38
N SER A 42 4.65 -14.28 10.59
CA SER A 42 3.65 -15.31 10.84
C SER A 42 2.24 -14.71 10.69
N ARG A 43 1.33 -15.44 10.04
CA ARG A 43 -0.07 -15.09 10.02
C ARG A 43 -0.86 -16.31 9.71
N GLU A 44 -2.10 -16.32 10.16
CA GLU A 44 -3.02 -17.45 9.95
C GLU A 44 -3.54 -17.35 8.48
N ALA A 45 -3.90 -18.50 7.90
CA ALA A 45 -4.10 -18.59 6.46
C ALA A 45 -4.89 -19.82 6.09
N VAL A 46 -5.13 -19.95 4.78
CA VAL A 46 -5.69 -21.16 4.20
C VAL A 46 -4.62 -21.97 3.49
N VAL A 47 -4.49 -23.23 3.87
CA VAL A 47 -3.53 -24.17 3.26
C VAL A 47 -4.21 -25.41 2.74
N VAL A 48 -3.50 -26.16 1.89
CA VAL A 48 -3.99 -27.32 1.18
C VAL A 48 -2.93 -28.40 1.37
N ASN A 49 -3.26 -29.51 2.01
CA ASN A 49 -2.28 -30.51 2.46
C ASN A 49 -1.06 -29.89 3.17
N GLY A 50 -1.35 -28.93 4.04
CA GLY A 50 -0.36 -28.39 4.92
C GLY A 50 0.44 -27.24 4.39
N VAL A 51 0.18 -26.84 3.14
CA VAL A 51 1.06 -25.89 2.44
C VAL A 51 0.34 -24.74 1.72
N THR A 52 0.99 -23.58 1.65
CA THR A 52 0.50 -22.53 0.81
C THR A 52 1.65 -21.91 0.13
N PRO A 53 1.77 -21.89 -1.19
CA PRO A 53 0.80 -22.39 -2.16
C PRO A 53 0.48 -23.85 -2.06
N ALA A 54 -0.65 -24.19 -2.65
CA ALA A 54 -1.11 -25.59 -2.64
C ALA A 54 -0.16 -26.46 -3.41
N PRO A 55 -0.21 -27.76 -3.12
CA PRO A 55 0.73 -28.64 -3.76
C PRO A 55 0.49 -28.70 -5.25
N LEU A 56 1.56 -28.93 -5.98
CA LEU A 56 1.48 -29.10 -7.40
C LEU A 56 0.62 -30.29 -7.73
N ILE A 57 -0.40 -30.05 -8.52
CA ILE A 57 -1.14 -31.13 -9.13
C ILE A 57 -0.54 -31.34 -10.52
N SER A 58 -0.41 -32.61 -10.92
CA SER A 58 -0.03 -32.99 -12.26
C SER A 58 -0.71 -34.27 -12.81
N GLY A 59 -0.63 -34.35 -14.12
CA GLY A 59 -0.98 -35.49 -14.88
C GLY A 59 -0.55 -35.26 -16.32
N GLN A 60 -1.17 -35.98 -17.25
CA GLN A 60 -0.80 -35.91 -18.65
C GLN A 60 -2.03 -35.84 -19.51
N LYS A 61 -1.82 -35.39 -20.74
CA LYS A 61 -2.89 -35.12 -21.69
C LYS A 61 -3.63 -36.43 -21.83
N GLY A 62 -4.96 -36.38 -21.73
CA GLY A 62 -5.77 -37.59 -21.73
C GLY A 62 -6.25 -38.01 -20.36
N ASP A 63 -5.51 -37.69 -19.30
CA ASP A 63 -5.92 -38.06 -17.94
C ASP A 63 -7.31 -37.53 -17.49
N ARG A 64 -7.94 -38.36 -16.68
CA ARG A 64 -9.01 -38.01 -15.80
C ARG A 64 -8.45 -37.66 -14.42
N PHE A 65 -8.93 -36.58 -13.83
CA PHE A 65 -8.51 -36.17 -12.54
C PHE A 65 -9.68 -36.39 -11.58
N GLN A 66 -9.39 -36.97 -10.42
CA GLN A 66 -10.40 -37.20 -9.44
C GLN A 66 -9.83 -36.52 -8.25
N LEU A 67 -10.16 -35.26 -8.11
CA LEU A 67 -9.60 -34.42 -7.06
C LEU A 67 -10.69 -34.24 -6.00
N ASN A 68 -10.46 -34.82 -4.82
CA ASN A 68 -11.43 -34.93 -3.73
C ASN A 68 -11.13 -33.88 -2.68
N VAL A 69 -12.03 -32.91 -2.57
CA VAL A 69 -11.77 -31.70 -1.81
C VAL A 69 -12.46 -31.90 -0.45
N ILE A 70 -11.66 -32.19 0.59
CA ILE A 70 -12.12 -32.31 1.98
C ILE A 70 -11.98 -30.98 2.69
N ASP A 71 -13.09 -30.32 3.02
CA ASP A 71 -13.06 -28.99 3.66
C ASP A 71 -12.95 -29.19 5.14
N ASN A 72 -11.84 -28.78 5.75
CA ASN A 72 -11.72 -28.85 7.21
C ASN A 72 -11.45 -27.51 7.85
N LEU A 73 -12.00 -26.43 7.30
CA LEU A 73 -11.64 -25.09 7.80
C LEU A 73 -12.37 -24.72 9.10
N THR A 74 -11.73 -23.87 9.90
CA THR A 74 -12.27 -23.48 11.20
C THR A 74 -12.31 -21.97 11.45
N ASN A 75 -11.95 -21.16 10.46
CA ASN A 75 -11.79 -19.75 10.67
C ASN A 75 -12.76 -19.06 9.74
N HIS A 76 -13.86 -18.60 10.35
CA HIS A 76 -14.91 -17.84 9.70
C HIS A 76 -14.40 -16.60 8.98
N THR A 77 -13.48 -15.87 9.59
CA THR A 77 -12.95 -14.63 8.94
C THR A 77 -12.44 -14.91 7.51
N MET A 78 -11.67 -15.99 7.36
CA MET A 78 -11.12 -16.36 6.04
C MET A 78 -12.04 -17.26 5.26
N LEU A 79 -13.21 -17.52 5.83
CA LEU A 79 -14.34 -18.27 5.28
C LEU A 79 -14.20 -19.74 5.65
N LYS A 80 -15.32 -20.38 5.95
CA LYS A 80 -15.33 -21.78 6.34
C LYS A 80 -15.82 -22.65 5.19
N THR A 81 -16.39 -22.04 4.16
CA THR A 81 -16.85 -22.71 2.97
C THR A 81 -15.90 -22.41 1.77
N THR A 82 -15.96 -23.23 0.71
CA THR A 82 -15.13 -23.05 -0.50
C THR A 82 -15.72 -23.55 -1.79
N SER A 83 -15.12 -23.05 -2.85
CA SER A 83 -15.13 -23.71 -4.11
C SER A 83 -13.70 -23.77 -4.59
N ILE A 84 -13.33 -24.78 -5.35
CA ILE A 84 -12.07 -24.72 -6.05
C ILE A 84 -12.40 -24.60 -7.53
N HIS A 85 -11.66 -23.75 -8.22
CA HIS A 85 -11.70 -23.70 -9.66
C HIS A 85 -10.36 -24.22 -10.18
N TRP A 86 -10.40 -24.85 -11.35
CA TRP A 86 -9.24 -25.54 -12.01
C TRP A 86 -9.02 -24.68 -13.26
N HIS A 87 -8.07 -23.76 -13.09
CA HIS A 87 -7.96 -22.60 -13.92
C HIS A 87 -7.43 -22.98 -15.27
N GLY A 88 -8.23 -22.67 -16.30
CA GLY A 88 -7.82 -22.84 -17.70
C GLY A 88 -8.20 -24.16 -18.34
N PHE A 89 -8.88 -25.04 -17.61
CA PHE A 89 -9.46 -26.23 -18.21
C PHE A 89 -10.80 -25.91 -18.82
N PHE A 90 -10.99 -26.49 -20.01
CA PHE A 90 -12.24 -26.27 -20.72
C PHE A 90 -13.44 -26.80 -19.97
N GLN A 91 -13.26 -27.93 -19.27
CA GLN A 91 -14.33 -28.49 -18.46
C GLN A 91 -15.58 -28.86 -19.34
N HIS A 92 -15.32 -29.37 -20.53
CA HIS A 92 -16.39 -29.65 -21.52
C HIS A 92 -17.25 -30.82 -21.03
N GLY A 93 -18.53 -30.54 -20.85
CA GLY A 93 -19.42 -31.53 -20.29
C GLY A 93 -19.29 -31.77 -18.80
N THR A 94 -18.41 -31.06 -18.12
CA THR A 94 -18.31 -31.08 -16.66
C THR A 94 -18.37 -29.65 -16.16
N ASN A 95 -19.32 -28.87 -16.65
CA ASN A 95 -19.48 -27.49 -16.21
C ASN A 95 -19.71 -27.39 -14.69
N TRP A 96 -20.44 -28.35 -14.11
CA TRP A 96 -20.61 -28.48 -12.63
C TRP A 96 -19.32 -28.48 -11.78
N ALA A 97 -18.21 -28.89 -12.37
CA ALA A 97 -16.90 -28.99 -11.71
C ALA A 97 -15.97 -27.77 -11.89
N ASP A 98 -16.52 -26.67 -12.38
CA ASP A 98 -15.70 -25.51 -12.75
C ASP A 98 -15.30 -24.68 -11.56
N GLY A 99 -16.14 -24.57 -10.53
CA GLY A 99 -15.75 -23.89 -9.29
C GLY A 99 -16.46 -22.60 -8.92
N PRO A 100 -16.50 -21.56 -9.79
CA PRO A 100 -17.05 -20.25 -9.38
C PRO A 100 -18.33 -20.37 -8.58
N ALA A 101 -18.23 -19.94 -7.30
CA ALA A 101 -19.37 -20.06 -6.34
C ALA A 101 -20.57 -19.26 -6.83
N PHE A 102 -21.75 -19.92 -6.79
CA PHE A 102 -23.03 -19.41 -7.23
C PHE A 102 -23.11 -19.17 -8.73
N VAL A 103 -22.14 -19.63 -9.51
CA VAL A 103 -22.30 -19.66 -10.97
C VAL A 103 -22.43 -21.11 -11.41
N ASN A 104 -21.42 -21.91 -11.03
CA ASN A 104 -21.30 -23.33 -11.36
C ASN A 104 -21.58 -24.32 -10.17
N GLN A 105 -21.51 -23.85 -8.94
CA GLN A 105 -21.89 -24.65 -7.76
C GLN A 105 -22.27 -23.76 -6.56
N CYS A 106 -22.92 -24.34 -5.57
CA CYS A 106 -22.97 -23.76 -4.23
C CYS A 106 -21.62 -24.08 -3.59
N PRO A 107 -21.14 -23.25 -2.62
CA PRO A 107 -19.91 -23.63 -1.88
C PRO A 107 -20.01 -24.95 -1.08
N ILE A 108 -18.87 -25.57 -0.84
CA ILE A 108 -18.73 -26.76 0.03
C ILE A 108 -18.67 -26.33 1.51
N ALA A 109 -19.39 -27.03 2.37
CA ALA A 109 -19.47 -26.69 3.78
C ALA A 109 -18.33 -27.30 4.58
N SER A 110 -17.91 -26.64 5.65
CA SER A 110 -16.89 -27.26 6.51
C SER A 110 -17.41 -28.57 7.10
N GLY A 111 -16.51 -29.50 7.39
CA GLY A 111 -16.90 -30.85 7.78
C GLY A 111 -17.43 -31.72 6.66
N HIS A 112 -17.46 -31.23 5.41
CA HIS A 112 -17.91 -31.95 4.22
C HIS A 112 -16.83 -32.10 3.12
N SER A 113 -17.05 -33.06 2.22
CA SER A 113 -16.16 -33.40 1.10
C SER A 113 -16.81 -33.11 -0.23
N PHE A 114 -16.01 -32.96 -1.29
CA PHE A 114 -16.55 -32.83 -2.62
C PHE A 114 -15.60 -33.35 -3.68
N LEU A 115 -16.10 -34.17 -4.59
CA LEU A 115 -15.33 -34.78 -5.67
C LEU A 115 -15.44 -34.06 -7.02
N TYR A 116 -14.42 -33.30 -7.38
CA TYR A 116 -14.28 -32.75 -8.71
C TYR A 116 -13.69 -33.85 -9.58
N ASP A 117 -14.46 -34.21 -10.57
CA ASP A 117 -14.12 -35.28 -11.45
C ASP A 117 -14.33 -34.74 -12.89
N PHE A 118 -13.21 -34.68 -13.63
CA PHE A 118 -13.15 -34.13 -14.97
C PHE A 118 -11.99 -34.75 -15.78
N GLN A 119 -11.85 -34.33 -17.03
CA GLN A 119 -10.89 -34.95 -17.96
C GLN A 119 -10.30 -33.88 -18.78
N VAL A 120 -9.08 -34.10 -19.24
CA VAL A 120 -8.37 -33.17 -20.08
C VAL A 120 -7.85 -33.91 -21.32
N PRO A 121 -8.75 -34.24 -22.28
CA PRO A 121 -8.39 -34.97 -23.52
C PRO A 121 -7.60 -34.13 -24.52
N ASP A 122 -7.84 -32.83 -24.50
CA ASP A 122 -7.52 -31.97 -25.60
C ASP A 122 -6.63 -30.82 -25.20
N GLN A 123 -6.07 -30.82 -23.96
CA GLN A 123 -5.18 -29.74 -23.52
C GLN A 123 -3.92 -30.27 -22.87
N ALA A 124 -2.94 -29.38 -22.84
CA ALA A 124 -1.69 -29.62 -22.18
C ALA A 124 -1.05 -28.31 -21.87
N GLY A 125 -0.12 -28.35 -20.91
CA GLY A 125 0.60 -27.20 -20.47
C GLY A 125 0.43 -26.87 -19.01
N THR A 126 0.35 -25.57 -18.74
CA THR A 126 0.57 -25.07 -17.41
C THR A 126 -0.68 -24.39 -17.01
N PHE A 127 -1.21 -24.86 -15.88
CA PHE A 127 -2.45 -24.36 -15.33
C PHE A 127 -2.24 -23.94 -13.83
N TRP A 128 -3.34 -23.63 -13.14
CA TRP A 128 -3.33 -23.55 -11.69
C TRP A 128 -4.70 -23.82 -11.13
N TYR A 129 -4.75 -24.04 -9.82
CA TYR A 129 -6.00 -24.12 -9.10
C TYR A 129 -6.00 -23.17 -7.92
N HIS A 130 -7.21 -22.76 -7.50
CA HIS A 130 -7.42 -21.70 -6.53
C HIS A 130 -8.85 -21.57 -6.19
N SER A 131 -9.13 -20.98 -5.01
CA SER A 131 -10.51 -20.86 -4.54
C SER A 131 -11.20 -19.83 -5.42
N HIS A 132 -12.48 -20.04 -5.75
CA HIS A 132 -13.29 -19.06 -6.48
C HIS A 132 -14.49 -18.68 -5.61
N LEU A 133 -14.32 -18.75 -4.29
CA LEU A 133 -15.24 -18.12 -3.38
C LEU A 133 -14.62 -16.81 -2.84
N SER A 134 -15.23 -15.69 -3.22
CA SER A 134 -14.93 -14.36 -2.68
C SER A 134 -13.47 -13.96 -2.81
N THR A 135 -12.83 -13.52 -1.73
CA THR A 135 -11.38 -13.24 -1.74
C THR A 135 -10.65 -14.30 -0.96
N GLN A 136 -11.08 -15.55 -1.06
CA GLN A 136 -10.51 -16.60 -0.27
C GLN A 136 -9.12 -17.03 -0.71
N TYR A 137 -8.82 -16.95 -2.01
CA TYR A 137 -7.52 -17.43 -2.53
C TYR A 137 -6.42 -16.46 -2.23
N CYS A 138 -6.80 -15.20 -2.03
CA CYS A 138 -5.89 -14.20 -1.44
C CYS A 138 -5.25 -14.66 -0.15
N ASP A 139 -5.99 -15.46 0.63
CA ASP A 139 -5.56 -15.94 1.92
C ASP A 139 -4.81 -17.25 1.90
N GLY A 140 -4.41 -17.72 0.71
CA GLY A 140 -3.52 -18.88 0.57
C GLY A 140 -4.02 -20.10 -0.23
N LEU A 141 -5.34 -20.24 -0.44
CA LEU A 141 -5.87 -21.39 -1.21
C LEU A 141 -5.63 -21.14 -2.68
N ARG A 142 -4.40 -21.43 -3.14
CA ARG A 142 -4.02 -21.28 -4.52
C ARG A 142 -2.71 -22.00 -4.84
N GLY A 143 -2.71 -22.71 -5.97
CA GLY A 143 -1.53 -23.45 -6.40
C GLY A 143 -1.44 -23.92 -7.85
N PRO A 144 -0.27 -24.49 -8.24
CA PRO A 144 0.02 -24.86 -9.55
C PRO A 144 -0.55 -26.23 -9.94
N PHE A 145 -0.69 -26.48 -11.23
CA PHE A 145 -1.36 -27.67 -11.80
C PHE A 145 -0.71 -27.84 -13.19
N VAL A 146 0.10 -28.88 -13.42
CA VAL A 146 0.73 -29.01 -14.74
C VAL A 146 0.13 -30.24 -15.42
N VAL A 147 -0.08 -30.16 -16.74
CA VAL A 147 -0.54 -31.33 -17.52
C VAL A 147 0.45 -31.52 -18.59
N TYR A 148 1.27 -32.57 -18.47
CA TYR A 148 2.40 -32.79 -19.36
C TYR A 148 1.89 -33.45 -20.63
N ASP A 149 2.57 -33.27 -21.77
CA ASP A 149 2.17 -33.86 -23.03
C ASP A 149 3.21 -34.92 -23.41
N PRO A 150 2.85 -36.20 -23.42
CA PRO A 150 3.77 -37.23 -23.94
C PRO A 150 4.39 -36.89 -25.31
N ASN A 151 3.62 -36.32 -26.24
CA ASN A 151 4.13 -35.89 -27.53
C ASN A 151 4.28 -34.37 -27.55
N ASP A 152 4.90 -33.78 -26.52
CA ASP A 152 4.97 -32.32 -26.46
C ASP A 152 5.73 -31.85 -27.70
N PRO A 153 5.13 -30.97 -28.51
CA PRO A 153 5.82 -30.56 -29.72
C PRO A 153 7.10 -29.78 -29.52
N GLN A 154 7.35 -29.20 -28.34
CA GLN A 154 8.59 -28.45 -28.11
C GLN A 154 9.54 -29.07 -27.11
N ALA A 155 9.45 -30.39 -26.92
CA ALA A 155 10.26 -31.10 -25.90
C ALA A 155 11.69 -31.09 -26.31
N SER A 156 11.93 -31.11 -27.63
CA SER A 156 13.32 -31.07 -28.11
C SER A 156 14.09 -29.72 -27.81
N LEU A 157 13.45 -28.66 -27.37
CA LEU A 157 14.08 -27.44 -26.99
C LEU A 157 14.57 -27.41 -25.52
N TYR A 158 14.29 -28.46 -24.73
CA TYR A 158 14.84 -28.55 -23.35
C TYR A 158 15.23 -29.94 -22.87
N ASP A 159 15.99 -29.96 -21.80
CA ASP A 159 16.49 -31.17 -21.19
C ASP A 159 15.69 -31.58 -19.95
N ILE A 160 15.31 -30.63 -19.10
CA ILE A 160 14.68 -30.97 -17.81
C ILE A 160 13.40 -30.21 -17.62
N ASP A 161 12.39 -30.93 -17.15
CA ASP A 161 11.05 -30.37 -16.95
C ASP A 161 10.38 -31.17 -15.85
N ASN A 162 10.26 -30.60 -14.64
CA ASN A 162 9.66 -31.35 -13.52
C ASN A 162 9.11 -30.45 -12.40
N ASP A 163 8.82 -31.06 -11.23
CA ASP A 163 8.35 -30.38 -10.00
C ASP A 163 9.18 -29.15 -9.78
N ASP A 164 10.49 -29.36 -9.86
CA ASP A 164 11.46 -28.36 -9.59
C ASP A 164 11.61 -27.37 -10.72
N THR A 165 10.90 -27.48 -11.83
CA THR A 165 10.96 -26.36 -12.78
C THR A 165 9.68 -25.59 -12.84
N VAL A 166 8.77 -25.80 -11.90
CA VAL A 166 7.62 -24.89 -11.80
C VAL A 166 7.96 -23.70 -10.92
N ILE A 167 7.55 -22.51 -11.34
CA ILE A 167 7.85 -21.22 -10.64
C ILE A 167 6.58 -20.41 -10.44
N THR A 168 6.10 -20.32 -9.21
CA THR A 168 4.89 -19.57 -8.90
C THR A 168 5.19 -18.16 -8.42
N LEU A 169 4.38 -17.18 -8.80
CA LEU A 169 4.47 -15.80 -8.26
C LEU A 169 3.22 -15.59 -7.41
N ALA A 170 3.42 -15.07 -6.21
CA ALA A 170 2.28 -14.86 -5.33
C ALA A 170 2.41 -13.53 -4.63
N ASP A 171 1.39 -12.68 -4.73
CA ASP A 171 1.26 -11.58 -3.80
C ASP A 171 0.80 -12.02 -2.39
N TRP A 172 1.54 -11.62 -1.36
CA TRP A 172 1.24 -11.94 0.04
C TRP A 172 0.96 -10.68 0.87
N TYR A 173 0.12 -10.85 1.89
CA TYR A 173 -0.41 -9.76 2.69
C TYR A 173 -0.24 -10.18 4.14
N HIS A 174 0.13 -9.23 4.99
CA HIS A 174 0.25 -9.47 6.44
C HIS A 174 -1.08 -9.39 7.12
N VAL A 175 -2.07 -8.76 6.46
CA VAL A 175 -3.44 -8.74 6.92
C VAL A 175 -4.36 -9.57 6.02
N ALA A 176 -5.32 -10.27 6.63
CA ALA A 176 -6.27 -11.08 5.89
C ALA A 176 -7.18 -10.28 4.96
N ALA A 177 -7.65 -10.94 3.90
CA ALA A 177 -8.52 -10.37 2.88
C ALA A 177 -9.73 -9.64 3.47
N LYS A 178 -10.54 -10.33 4.27
CA LYS A 178 -11.66 -9.67 4.93
C LYS A 178 -11.30 -8.66 6.01
N LEU A 179 -10.16 -8.78 6.69
CA LEU A 179 -9.75 -7.78 7.72
C LEU A 179 -9.07 -6.55 7.20
N GLY A 180 -8.58 -6.57 5.98
CA GLY A 180 -7.80 -5.45 5.45
C GLY A 180 -8.69 -4.53 4.68
N PRO A 181 -8.11 -3.62 3.85
CA PRO A 181 -8.94 -2.71 3.01
C PRO A 181 -9.65 -3.45 1.90
N ARG A 182 -10.77 -2.93 1.44
CA ARG A 182 -11.48 -3.48 0.30
C ARG A 182 -10.61 -3.47 -0.97
N PHE A 183 -9.77 -2.44 -1.13
CA PHE A 183 -8.78 -2.37 -2.19
C PHE A 183 -7.43 -2.10 -1.53
N PRO A 184 -6.71 -3.16 -1.22
CA PRO A 184 -5.42 -2.94 -0.57
C PRO A 184 -4.38 -2.27 -1.44
N PRO A 185 -3.30 -1.80 -0.80
CA PRO A 185 -2.26 -1.00 -1.49
C PRO A 185 -1.13 -1.79 -2.20
N GLY A 186 -1.49 -2.92 -2.81
CA GLY A 186 -0.51 -3.86 -3.35
C GLY A 186 -0.01 -4.76 -2.23
N SER A 187 0.94 -5.61 -2.57
CA SER A 187 1.37 -6.68 -1.69
C SER A 187 2.38 -6.19 -0.65
N ASP A 188 2.52 -6.94 0.44
CA ASP A 188 3.59 -6.72 1.42
C ASP A 188 4.90 -7.44 1.03
N ALA A 189 4.77 -8.59 0.38
CA ALA A 189 5.90 -9.31 -0.15
C ALA A 189 5.40 -10.01 -1.36
N THR A 190 6.36 -10.48 -2.15
CA THR A 190 6.07 -11.27 -3.30
C THR A 190 6.71 -12.63 -3.01
N LEU A 191 5.90 -13.69 -3.00
CA LEU A 191 6.42 -15.07 -2.82
C LEU A 191 6.82 -15.75 -4.14
N ILE A 192 7.99 -16.35 -4.16
CA ILE A 192 8.46 -17.06 -5.31
C ILE A 192 8.73 -18.50 -4.82
N ASN A 193 8.13 -19.50 -5.49
CA ASN A 193 7.97 -20.87 -4.92
C ASN A 193 7.77 -20.88 -3.41
N GLY A 194 6.91 -19.95 -2.99
CA GLY A 194 6.38 -19.87 -1.64
C GLY A 194 7.20 -19.10 -0.65
N LEU A 195 8.43 -18.73 -1.02
CA LEU A 195 9.33 -17.99 -0.13
C LEU A 195 9.59 -16.56 -0.63
N GLY A 196 9.64 -15.62 0.28
CA GLY A 196 9.98 -14.25 -0.06
C GLY A 196 10.44 -13.51 1.15
N ARG A 197 10.71 -12.23 0.98
CA ARG A 197 11.02 -11.30 2.07
C ARG A 197 10.10 -10.14 2.01
N SER A 198 9.83 -9.59 3.17
CA SER A 198 9.17 -8.31 3.27
C SER A 198 10.12 -7.32 3.86
N PRO A 199 9.98 -6.05 3.49
CA PRO A 199 10.83 -5.02 4.10
C PRO A 199 10.50 -5.04 5.54
N GLY A 200 11.42 -5.45 6.38
CA GLY A 200 11.07 -5.60 7.79
C GLY A 200 11.18 -7.03 8.18
N THR A 201 11.18 -7.91 7.18
CA THR A 201 11.73 -9.25 7.33
C THR A 201 12.72 -9.48 6.17
N THR A 202 13.70 -8.57 6.08
CA THR A 202 14.73 -8.61 5.06
C THR A 202 15.85 -9.57 5.41
N ALA A 203 15.65 -10.47 6.38
CA ALA A 203 16.57 -11.58 6.59
C ALA A 203 15.90 -12.95 6.30
N ALA A 204 14.64 -12.98 5.86
CA ALA A 204 13.92 -14.27 5.70
C ALA A 204 14.50 -15.13 4.60
N ASP A 205 14.23 -16.42 4.61
CA ASP A 205 14.79 -17.28 3.59
C ASP A 205 14.22 -16.86 2.25
N LEU A 206 15.07 -16.99 1.22
CA LEU A 206 14.68 -16.86 -0.19
C LEU A 206 14.54 -18.22 -0.90
N ALA A 207 13.67 -18.24 -1.89
CA ALA A 207 13.54 -19.37 -2.77
C ALA A 207 14.84 -19.48 -3.54
N VAL A 208 15.36 -20.71 -3.62
CA VAL A 208 16.59 -21.02 -4.35
C VAL A 208 16.14 -22.05 -5.34
N ILE A 209 16.45 -21.81 -6.61
CA ILE A 209 16.03 -22.62 -7.75
C ILE A 209 17.30 -23.14 -8.36
N LYS A 210 17.53 -24.43 -8.22
CA LYS A 210 18.81 -25.02 -8.63
C LYS A 210 18.87 -25.27 -10.11
N VAL A 211 20.00 -24.96 -10.71
CA VAL A 211 20.27 -25.36 -12.08
C VAL A 211 21.67 -25.95 -12.11
N THR A 212 21.85 -26.87 -13.07
CA THR A 212 23.17 -27.37 -13.49
C THR A 212 23.64 -26.72 -14.82
N GLN A 213 24.86 -26.19 -14.75
CA GLN A 213 25.50 -25.57 -15.90
C GLN A 213 25.43 -26.54 -17.03
N GLY A 214 24.94 -26.07 -18.16
CA GLY A 214 24.98 -26.83 -19.38
C GLY A 214 23.62 -27.37 -19.76
N LYS A 215 22.75 -27.53 -18.80
CA LYS A 215 21.41 -28.03 -19.06
C LYS A 215 20.44 -26.91 -19.37
N ARG A 216 19.45 -27.31 -20.16
CA ARG A 216 18.34 -26.48 -20.50
C ARG A 216 17.10 -26.94 -19.76
N TYR A 217 16.23 -25.98 -19.42
CA TYR A 217 15.12 -26.17 -18.48
C TYR A 217 13.86 -25.62 -19.09
N ARG A 218 12.75 -26.33 -18.91
CA ARG A 218 11.42 -25.74 -19.12
C ARG A 218 10.93 -25.20 -17.79
N PHE A 219 11.14 -23.91 -17.57
CA PHE A 219 10.50 -23.21 -16.46
C PHE A 219 9.03 -22.82 -16.74
N ARG A 220 8.14 -23.18 -15.79
CA ARG A 220 6.69 -23.00 -15.95
C ARG A 220 6.20 -21.91 -14.97
N LEU A 221 6.28 -20.69 -15.44
CA LEU A 221 5.94 -19.51 -14.69
C LEU A 221 4.44 -19.42 -14.56
N VAL A 222 3.96 -19.28 -13.32
CA VAL A 222 2.52 -19.16 -13.06
C VAL A 222 2.30 -17.99 -12.12
N SER A 223 1.46 -17.02 -12.50
CA SER A 223 1.03 -15.97 -11.57
C SER A 223 -0.09 -16.52 -10.74
N LEU A 224 0.10 -16.69 -9.43
CA LEU A 224 -1.00 -16.94 -8.50
C LEU A 224 -1.50 -15.63 -7.87
N SER A 225 -1.26 -14.50 -8.53
CA SER A 225 -1.56 -13.19 -7.98
C SER A 225 -3.02 -12.86 -7.83
N CYS A 226 -3.30 -12.35 -6.66
CA CYS A 226 -4.58 -11.76 -6.32
C CYS A 226 -4.85 -10.46 -7.03
N ASP A 227 -3.81 -9.66 -7.22
CA ASP A 227 -4.00 -8.32 -7.68
C ASP A 227 -2.88 -7.83 -8.61
N PRO A 228 -1.70 -7.46 -8.04
CA PRO A 228 -0.72 -6.90 -8.93
C PRO A 228 -0.08 -7.82 -9.98
N ASN A 229 0.20 -7.26 -11.15
CA ASN A 229 1.08 -7.90 -12.14
C ASN A 229 2.55 -7.84 -11.73
N HIS A 230 3.39 -8.55 -12.47
CA HIS A 230 4.78 -8.69 -12.08
C HIS A 230 5.63 -8.61 -13.30
N THR A 231 6.68 -7.82 -13.19
CA THR A 231 7.58 -7.68 -14.28
C THR A 231 8.69 -8.61 -13.88
N PHE A 232 8.70 -9.83 -14.48
CA PHE A 232 9.67 -10.93 -14.19
C PHE A 232 10.94 -10.87 -15.05
N SER A 233 12.08 -11.27 -14.48
CA SER A 233 13.45 -11.05 -15.08
C SER A 233 14.43 -12.03 -14.42
N ILE A 234 15.41 -12.59 -15.15
CA ILE A 234 16.54 -13.30 -14.53
C ILE A 234 17.89 -12.71 -14.95
N ASP A 235 18.61 -12.10 -14.01
CA ASP A 235 19.92 -11.55 -14.28
C ASP A 235 20.90 -12.40 -15.12
N GLY A 236 21.43 -11.76 -16.17
CA GLY A 236 22.40 -12.37 -17.08
C GLY A 236 21.92 -13.60 -17.82
N HIS A 237 20.58 -13.77 -17.90
CA HIS A 237 19.92 -14.85 -18.68
C HIS A 237 18.76 -14.27 -19.53
N THR A 238 18.48 -14.94 -20.65
CA THR A 238 17.26 -14.69 -21.43
C THR A 238 16.30 -15.88 -21.30
N MET A 239 15.14 -15.74 -21.94
CA MET A 239 14.04 -16.64 -21.70
C MET A 239 13.26 -16.87 -23.00
N THR A 240 13.16 -18.14 -23.44
CA THR A 240 12.48 -18.47 -24.71
C THR A 240 11.06 -18.99 -24.44
N ILE A 241 10.09 -18.12 -24.65
CA ILE A 241 8.71 -18.45 -24.41
C ILE A 241 8.28 -19.49 -25.43
N ILE A 242 7.90 -20.64 -24.90
CA ILE A 242 7.33 -21.70 -25.71
C ILE A 242 5.85 -21.98 -25.44
N GLU A 243 5.26 -21.33 -24.46
CA GLU A 243 3.87 -21.64 -24.09
C GLU A 243 3.29 -20.41 -23.39
N ALA A 244 2.09 -20.00 -23.75
CA ALA A 244 1.37 -18.99 -22.98
C ALA A 244 -0.04 -19.46 -22.66
N ASP A 245 -0.40 -19.39 -21.37
CA ASP A 245 -1.70 -19.85 -20.84
C ASP A 245 -2.12 -21.19 -21.45
N SER A 246 -1.20 -22.16 -21.51
CA SER A 246 -1.50 -23.50 -22.07
C SER A 246 -1.47 -23.64 -23.62
N VAL A 247 -1.38 -22.55 -24.35
CA VAL A 247 -1.30 -22.63 -25.80
C VAL A 247 0.18 -22.63 -26.19
N ASN A 248 0.61 -23.63 -26.94
CA ASN A 248 2.02 -23.70 -27.29
C ASN A 248 2.26 -22.52 -28.22
N THR A 249 3.48 -21.99 -28.31
CA THR A 249 3.76 -20.79 -29.12
C THR A 249 5.04 -20.92 -29.94
N GLN A 250 5.17 -20.07 -30.94
CA GLN A 250 6.42 -19.98 -31.65
C GLN A 250 7.44 -19.46 -30.63
N PRO A 251 8.63 -20.13 -30.52
CA PRO A 251 9.70 -19.76 -29.56
C PRO A 251 10.04 -18.30 -29.63
N LEU A 252 10.12 -17.61 -28.51
CA LEU A 252 10.29 -16.16 -28.51
C LEU A 252 11.26 -15.71 -27.41
N GLU A 253 12.45 -15.26 -27.80
CA GLU A 253 13.53 -15.02 -26.83
C GLU A 253 13.28 -13.64 -26.26
N VAL A 254 13.33 -13.49 -24.93
CA VAL A 254 13.06 -12.19 -24.28
C VAL A 254 13.80 -12.18 -22.97
N ASP A 255 14.09 -10.96 -22.48
CA ASP A 255 14.74 -10.80 -21.17
C ASP A 255 13.90 -10.14 -20.05
N SER A 256 12.62 -9.92 -20.31
CA SER A 256 11.69 -9.45 -19.27
C SER A 256 10.25 -9.81 -19.69
N ILE A 257 9.44 -10.29 -18.75
CA ILE A 257 8.08 -10.70 -19.02
C ILE A 257 7.19 -9.99 -18.03
N GLN A 258 6.19 -9.28 -18.51
CA GLN A 258 5.20 -8.64 -17.64
C GLN A 258 4.11 -9.65 -17.67
N ILE A 259 4.05 -10.46 -16.62
CA ILE A 259 3.01 -11.44 -16.37
C ILE A 259 1.89 -10.91 -15.46
N PHE A 260 0.64 -10.97 -15.97
CA PHE A 260 -0.54 -10.47 -15.29
C PHE A 260 -1.13 -11.56 -14.45
N ALA A 261 -1.95 -11.19 -13.46
CA ALA A 261 -2.58 -12.12 -12.54
C ALA A 261 -3.28 -13.26 -13.27
N ALA A 262 -3.04 -14.50 -12.83
CA ALA A 262 -3.54 -15.72 -13.45
C ALA A 262 -2.86 -16.19 -14.72
N GLN A 263 -2.02 -15.38 -15.37
CA GLN A 263 -1.41 -15.79 -16.66
C GLN A 263 -0.35 -16.80 -16.32
N ARG A 264 0.07 -17.59 -17.33
CA ARG A 264 1.15 -18.55 -17.22
C ARG A 264 2.05 -18.47 -18.46
N TYR A 265 3.34 -18.78 -18.30
CA TYR A 265 4.27 -18.90 -19.47
C TYR A 265 5.21 -20.04 -19.23
N SER A 266 5.44 -20.90 -20.23
CA SER A 266 6.61 -21.76 -20.14
C SER A 266 7.64 -21.03 -20.86
N PHE A 267 8.85 -21.04 -20.30
CA PHE A 267 10.01 -20.50 -20.97
C PHE A 267 11.18 -21.45 -20.76
N VAL A 268 12.10 -21.46 -21.73
CA VAL A 268 13.33 -22.23 -21.67
C VAL A 268 14.45 -21.34 -21.23
N LEU A 269 15.21 -21.83 -20.25
CA LEU A 269 16.42 -21.18 -19.85
C LEU A 269 17.62 -22.09 -20.11
N ASP A 270 18.63 -21.57 -20.80
CA ASP A 270 19.87 -22.31 -20.97
C ASP A 270 20.77 -21.93 -19.82
N ALA A 271 21.05 -22.87 -18.93
CA ALA A 271 21.91 -22.63 -17.80
C ALA A 271 23.36 -22.73 -18.23
N SER A 272 23.76 -21.81 -19.10
CA SER A 272 25.06 -21.81 -19.72
C SER A 272 25.83 -20.52 -19.38
N GLN A 273 25.46 -19.86 -18.29
CA GLN A 273 26.31 -18.80 -17.73
C GLN A 273 27.32 -19.40 -16.75
N PRO A 274 28.21 -18.56 -16.19
CA PRO A 274 29.13 -19.21 -15.25
C PRO A 274 28.41 -19.59 -14.02
N VAL A 275 28.96 -20.55 -13.30
CA VAL A 275 28.37 -21.03 -12.09
C VAL A 275 28.38 -19.92 -11.08
N ASP A 276 27.20 -19.39 -10.76
CA ASP A 276 27.07 -18.36 -9.72
C ASP A 276 25.62 -18.26 -9.22
N ASN A 277 25.33 -17.22 -8.44
CA ASN A 277 24.03 -16.91 -7.96
C ASN A 277 23.54 -15.70 -8.74
N TYR A 278 22.32 -15.80 -9.26
CA TYR A 278 21.73 -14.81 -10.10
C TYR A 278 20.40 -14.44 -9.50
N TRP A 279 20.15 -13.14 -9.39
CA TRP A 279 18.85 -12.64 -8.91
C TRP A 279 17.73 -12.97 -9.92
N ILE A 280 16.72 -13.67 -9.41
CA ILE A 280 15.43 -13.80 -10.09
C ILE A 280 14.62 -12.64 -9.56
N ARG A 281 13.94 -11.90 -10.43
CA ARG A 281 13.28 -10.68 -10.07
C ARG A 281 11.83 -10.79 -10.55
N ALA A 282 10.91 -10.33 -9.68
CA ALA A 282 9.45 -10.34 -9.87
C ALA A 282 8.90 -9.06 -9.22
N ASN A 283 9.00 -7.95 -9.94
CA ASN A 283 8.61 -6.67 -9.36
C ASN A 283 7.09 -6.40 -9.52
N PRO A 284 6.39 -6.24 -8.39
CA PRO A 284 4.96 -6.06 -8.52
C PRO A 284 4.56 -4.70 -9.10
N SER A 285 3.40 -4.72 -9.74
CA SER A 285 2.72 -3.55 -10.30
C SER A 285 2.73 -2.46 -9.23
N PHE A 286 2.43 -2.82 -7.98
CA PHE A 286 2.33 -1.87 -6.89
C PHE A 286 2.41 -2.58 -5.56
N GLY A 287 2.63 -1.79 -4.52
CA GLY A 287 2.86 -2.33 -3.21
C GLY A 287 4.29 -2.04 -2.79
N ASN A 288 4.80 -2.95 -1.98
CA ASN A 288 6.19 -3.01 -1.67
C ASN A 288 6.94 -3.32 -3.00
N THR A 289 7.36 -2.21 -3.60
CA THR A 289 7.90 -2.15 -4.90
C THR A 289 9.45 -2.23 -4.76
N GLY A 290 10.12 -2.62 -5.84
CA GLY A 290 11.57 -2.64 -5.93
C GLY A 290 12.24 -3.84 -5.26
N PHE A 291 13.56 -3.76 -5.12
CA PHE A 291 14.34 -4.86 -4.64
C PHE A 291 15.18 -4.57 -3.41
N ALA A 292 14.86 -3.55 -2.64
CA ALA A 292 15.72 -3.17 -1.51
C ALA A 292 15.69 -4.24 -0.40
N GLY A 293 16.86 -4.82 -0.09
CA GLY A 293 16.99 -5.88 0.93
C GLY A 293 16.66 -7.29 0.43
N GLY A 294 16.42 -7.41 -0.90
CA GLY A 294 16.01 -8.68 -1.54
C GLY A 294 14.51 -8.96 -1.69
N ILE A 295 13.67 -7.99 -1.34
CA ILE A 295 12.24 -8.12 -1.56
C ILE A 295 11.93 -8.38 -3.02
N ASN A 296 10.77 -8.96 -3.25
CA ASN A 296 10.39 -9.33 -4.57
C ASN A 296 11.46 -10.07 -5.37
N SER A 297 12.23 -10.96 -4.73
CA SER A 297 13.26 -11.74 -5.45
C SER A 297 13.39 -13.13 -4.95
N ALA A 298 14.10 -13.91 -5.77
CA ALA A 298 14.57 -15.24 -5.48
C ALA A 298 15.94 -15.43 -6.15
N ILE A 299 16.53 -16.61 -5.91
CA ILE A 299 17.86 -16.98 -6.36
C ILE A 299 17.86 -18.18 -7.33
N LEU A 300 18.41 -17.91 -8.52
CA LEU A 300 18.87 -18.98 -9.42
C LEU A 300 20.31 -19.39 -9.02
N ARG A 301 20.49 -20.63 -8.59
CA ARG A 301 21.75 -21.08 -8.03
C ARG A 301 22.29 -22.23 -8.84
N TYR A 302 23.31 -21.92 -9.59
CA TYR A 302 24.02 -22.94 -10.33
C TYR A 302 24.61 -23.87 -9.24
N LEU A 303 24.43 -25.18 -9.43
CA LEU A 303 24.93 -26.17 -8.48
C LEU A 303 26.40 -25.94 -8.38
N GLY A 304 26.86 -25.68 -7.17
CA GLY A 304 28.28 -25.51 -6.94
C GLY A 304 28.59 -24.13 -6.45
N ALA A 305 27.75 -23.15 -6.81
CA ALA A 305 27.87 -21.77 -6.40
C ALA A 305 27.79 -21.65 -4.88
N PRO A 306 28.42 -20.63 -4.25
CA PRO A 306 28.28 -20.51 -2.77
C PRO A 306 26.83 -20.21 -2.28
N GLU A 307 26.57 -20.50 -1.01
CA GLU A 307 25.21 -20.45 -0.49
C GLU A 307 24.98 -19.10 0.10
N ILE A 308 24.79 -18.12 -0.78
CA ILE A 308 24.79 -16.69 -0.43
C ILE A 308 23.95 -15.94 -1.45
N GLU A 309 23.71 -14.66 -1.21
CA GLU A 309 23.00 -13.83 -2.18
C GLU A 309 23.73 -13.47 -3.51
N PRO A 310 22.99 -13.43 -4.62
CA PRO A 310 23.57 -12.90 -5.81
C PRO A 310 24.04 -11.49 -5.57
N THR A 311 25.08 -11.09 -6.29
CA THR A 311 25.54 -9.70 -6.34
C THR A 311 25.41 -9.24 -7.78
N THR A 312 24.60 -9.94 -8.56
CA THR A 312 24.31 -9.52 -9.91
C THR A 312 23.43 -8.31 -9.89
N THR A 313 23.29 -7.68 -11.03
CA THR A 313 22.52 -6.42 -11.17
C THR A 313 21.71 -6.60 -12.42
N GLN A 314 20.60 -5.90 -12.51
CA GLN A 314 19.74 -5.98 -13.70
C GLN A 314 19.99 -4.81 -14.62
N THR A 315 19.60 -4.98 -15.87
CA THR A 315 19.96 -4.02 -16.89
C THR A 315 18.74 -3.87 -17.74
N THR A 316 18.40 -2.62 -18.04
CA THR A 316 17.24 -2.27 -18.85
C THR A 316 16.95 -3.31 -19.96
N PRO A 317 15.82 -3.97 -19.88
CA PRO A 317 15.66 -5.10 -20.78
C PRO A 317 15.62 -4.66 -22.26
N THR A 318 16.48 -5.24 -23.08
CA THR A 318 16.51 -4.94 -24.50
C THR A 318 15.37 -5.59 -25.30
N LYS A 319 14.84 -6.74 -24.87
CA LYS A 319 13.71 -7.41 -25.55
C LYS A 319 12.64 -7.86 -24.52
N PRO A 320 11.95 -6.91 -23.88
CA PRO A 320 10.78 -7.27 -23.09
C PRO A 320 9.66 -7.88 -23.97
N LEU A 321 8.89 -8.80 -23.45
CA LEU A 321 7.81 -9.44 -24.20
C LEU A 321 6.68 -8.47 -24.49
N THR A 322 6.23 -8.40 -25.76
CA THR A 322 4.95 -7.74 -26.15
C THR A 322 4.07 -8.87 -26.58
N GLU A 323 2.82 -8.84 -26.12
CA GLU A 323 1.82 -9.87 -26.43
C GLU A 323 1.67 -10.04 -27.95
N VAL A 324 1.57 -8.92 -28.63
CA VAL A 324 1.53 -8.82 -30.09
C VAL A 324 2.53 -9.74 -30.85
N ASP A 325 3.78 -9.82 -30.38
CA ASP A 325 4.78 -10.77 -30.89
C ASP A 325 4.50 -12.26 -30.58
N LEU A 326 3.54 -12.58 -29.71
CA LEU A 326 3.23 -14.00 -29.45
C LEU A 326 2.35 -14.58 -30.56
N HIS A 327 2.68 -15.77 -31.04
CA HIS A 327 1.88 -16.43 -32.07
C HIS A 327 1.82 -17.94 -31.85
N PRO A 328 0.68 -18.58 -32.13
CA PRO A 328 0.53 -20.05 -31.97
C PRO A 328 1.60 -20.89 -32.63
N LEU A 329 1.97 -22.00 -31.99
CA LEU A 329 2.88 -22.95 -32.65
C LEU A 329 2.14 -23.72 -33.73
N THR A 330 0.88 -24.05 -33.49
CA THR A 330 0.00 -24.68 -34.47
C THR A 330 -0.90 -23.56 -34.92
N PRO A 331 -1.08 -23.35 -36.25
CA PRO A 331 -2.10 -22.41 -36.73
C PRO A 331 -3.48 -22.60 -36.10
N MET A 332 -4.01 -21.58 -35.45
CA MET A 332 -5.34 -21.66 -34.82
C MET A 332 -6.15 -20.50 -35.39
N ALA A 333 -7.25 -20.78 -36.08
CA ALA A 333 -7.91 -19.78 -36.95
C ALA A 333 -8.86 -18.85 -36.18
N VAL A 334 -8.85 -17.55 -36.46
CA VAL A 334 -9.78 -16.64 -35.77
C VAL A 334 -11.23 -16.85 -36.24
N PRO A 335 -12.18 -17.01 -35.29
CA PRO A 335 -13.59 -17.03 -35.69
C PRO A 335 -14.06 -15.74 -36.39
N GLY A 336 -15.01 -15.89 -37.30
CA GLY A 336 -15.55 -14.76 -38.04
C GLY A 336 -14.66 -14.18 -39.14
N ARG A 337 -14.84 -12.88 -39.33
CA ARG A 337 -14.49 -12.20 -40.57
C ARG A 337 -13.50 -11.11 -40.19
N PRO A 338 -12.37 -10.88 -40.95
CA PRO A 338 -11.42 -9.82 -40.49
C PRO A 338 -11.93 -8.37 -40.51
N GLU A 339 -12.82 -8.00 -39.60
CA GLU A 339 -13.31 -6.62 -39.44
C GLU A 339 -14.00 -6.43 -38.07
N PRO A 340 -13.91 -5.25 -37.47
CA PRO A 340 -14.58 -5.22 -36.16
C PRO A 340 -16.08 -5.54 -36.29
N GLY A 341 -16.57 -6.35 -35.38
CA GLY A 341 -17.92 -6.88 -35.47
C GLY A 341 -18.11 -7.97 -36.52
N GLY A 342 -17.04 -8.42 -37.16
CA GLY A 342 -17.17 -9.47 -38.16
C GLY A 342 -17.42 -10.84 -37.56
N VAL A 343 -18.53 -10.98 -36.82
CA VAL A 343 -18.87 -12.20 -36.06
C VAL A 343 -20.37 -12.40 -35.87
N ASP A 344 -20.72 -13.62 -35.52
CA ASP A 344 -22.12 -13.99 -35.29
C ASP A 344 -22.73 -13.29 -34.05
N LYS A 345 -21.93 -12.79 -33.10
CA LYS A 345 -22.45 -12.11 -31.87
C LYS A 345 -21.40 -11.17 -31.21
N PRO A 346 -21.46 -9.85 -31.49
CA PRO A 346 -20.47 -8.93 -30.93
C PRO A 346 -20.92 -8.29 -29.65
N LEU A 347 -20.12 -8.37 -28.61
CA LEU A 347 -20.38 -7.61 -27.37
C LEU A 347 -19.29 -6.59 -27.04
N ASN A 348 -19.63 -5.76 -26.06
CA ASN A 348 -18.79 -4.66 -25.58
C ASN A 348 -19.14 -4.37 -24.10
N MET A 349 -18.14 -4.45 -23.22
CA MET A 349 -18.32 -4.23 -21.80
C MET A 349 -17.93 -2.77 -21.50
N VAL A 350 -18.91 -2.00 -21.03
CA VAL A 350 -18.66 -0.62 -20.63
C VAL A 350 -18.38 -0.70 -19.14
N PHE A 351 -17.13 -0.47 -18.76
CA PHE A 351 -16.77 -0.42 -17.33
C PHE A 351 -17.25 0.84 -16.61
N ASN A 352 -17.32 0.73 -15.29
CA ASN A 352 -17.79 1.79 -14.43
C ASN A 352 -17.61 1.35 -12.98
N PHE A 353 -17.57 2.32 -12.07
CA PHE A 353 -17.12 2.06 -10.71
C PHE A 353 -17.69 3.11 -9.76
N ASN A 354 -18.54 2.74 -8.80
CA ASN A 354 -19.21 3.73 -7.92
C ASN A 354 -18.45 4.20 -6.67
N GLY A 355 -17.20 3.76 -6.48
CA GLY A 355 -16.46 4.02 -5.21
C GLY A 355 -16.47 2.90 -4.17
N THR A 356 -17.39 1.94 -4.29
CA THR A 356 -17.13 0.62 -3.73
C THR A 356 -17.32 -0.53 -4.73
N ASN A 357 -17.98 -0.31 -5.87
CA ASN A 357 -18.40 -1.42 -6.74
C ASN A 357 -18.15 -1.21 -8.23
N PHE A 358 -17.58 -2.22 -8.88
CA PHE A 358 -17.40 -2.19 -10.32
C PHE A 358 -18.71 -2.54 -11.01
N PHE A 359 -18.91 -2.08 -12.24
CA PHE A 359 -20.12 -2.35 -12.98
C PHE A 359 -19.74 -2.65 -14.40
N ILE A 360 -20.45 -3.59 -14.98
CA ILE A 360 -20.28 -3.85 -16.36
C ILE A 360 -21.63 -3.68 -16.99
N ASN A 361 -21.73 -2.68 -17.87
CA ASN A 361 -22.99 -2.33 -18.53
C ASN A 361 -24.08 -2.09 -17.48
N ASN A 362 -23.77 -1.16 -16.57
CA ASN A 362 -24.66 -0.70 -15.46
C ASN A 362 -24.97 -1.71 -14.35
N HIS A 363 -24.60 -2.98 -14.54
CA HIS A 363 -24.85 -4.03 -13.54
C HIS A 363 -23.52 -4.55 -12.96
N SER A 364 -23.50 -4.70 -11.65
CA SER A 364 -22.36 -5.14 -10.88
C SER A 364 -22.71 -6.48 -10.25
N PHE A 365 -21.90 -7.51 -10.48
CA PHE A 365 -22.30 -8.89 -10.22
C PHE A 365 -22.56 -9.17 -8.75
N VAL A 366 -23.80 -9.54 -8.41
CA VAL A 366 -24.19 -9.99 -7.07
C VAL A 366 -24.55 -11.48 -7.24
N PRO A 367 -23.94 -12.35 -6.42
CA PRO A 367 -24.21 -13.79 -6.63
C PRO A 367 -25.63 -14.11 -6.31
N PRO A 368 -26.28 -14.89 -7.18
CA PRO A 368 -27.64 -15.33 -6.90
C PRO A 368 -27.73 -16.43 -5.83
N SER A 369 -28.84 -16.50 -5.14
CA SER A 369 -29.05 -17.59 -4.16
C SER A 369 -28.95 -18.97 -4.74
N VAL A 370 -29.52 -19.15 -5.93
CA VAL A 370 -29.51 -20.43 -6.63
C VAL A 370 -28.59 -20.32 -7.85
N PRO A 371 -27.47 -21.09 -7.89
CA PRO A 371 -26.44 -20.94 -8.92
C PRO A 371 -26.94 -20.86 -10.33
N VAL A 372 -26.24 -20.08 -11.14
CA VAL A 372 -26.64 -19.83 -12.50
C VAL A 372 -26.76 -21.15 -13.28
N LEU A 373 -25.99 -22.18 -12.89
CA LEU A 373 -26.10 -23.46 -13.58
C LEU A 373 -27.36 -24.19 -13.08
N LEU A 374 -27.56 -24.22 -11.76
CA LEU A 374 -28.73 -24.88 -11.19
C LEU A 374 -30.01 -24.22 -11.74
N GLN A 375 -29.95 -22.91 -11.98
CA GLN A 375 -30.99 -22.22 -12.68
C GLN A 375 -31.20 -22.73 -14.07
N ILE A 376 -30.16 -22.93 -14.83
CA ILE A 376 -30.41 -23.36 -16.19
C ILE A 376 -30.98 -24.81 -16.20
N LEU A 377 -30.62 -25.63 -15.22
CA LEU A 377 -31.00 -27.06 -15.16
C LEU A 377 -32.47 -27.30 -14.83
N SER A 378 -33.09 -26.31 -14.19
CA SER A 378 -34.57 -26.21 -14.07
C SER A 378 -35.21 -25.50 -15.27
N GLY A 379 -34.50 -25.45 -16.40
CA GLY A 379 -35.02 -24.96 -17.67
C GLY A 379 -34.90 -23.48 -17.99
N ALA A 380 -34.28 -22.67 -17.13
CA ALA A 380 -34.27 -21.23 -17.35
C ALA A 380 -33.30 -20.87 -18.45
N GLN A 381 -33.78 -20.93 -19.70
CA GLN A 381 -32.90 -20.83 -20.87
C GLN A 381 -32.70 -19.41 -21.40
N ALA A 382 -33.48 -18.45 -20.94
CA ALA A 382 -33.50 -17.12 -21.56
C ALA A 382 -33.01 -16.00 -20.61
N ALA A 383 -32.55 -14.89 -21.20
CA ALA A 383 -31.90 -13.79 -20.45
C ALA A 383 -32.83 -13.16 -19.42
N GLN A 384 -34.07 -12.88 -19.85
CA GLN A 384 -35.19 -12.53 -18.96
C GLN A 384 -35.27 -13.38 -17.68
N ASP A 385 -34.97 -14.68 -17.77
CA ASP A 385 -35.26 -15.65 -16.72
C ASP A 385 -34.09 -16.06 -15.84
N LEU A 386 -32.96 -15.35 -15.94
CA LEU A 386 -31.77 -15.67 -15.12
C LEU A 386 -31.36 -14.54 -14.15
N VAL A 387 -31.10 -14.92 -12.90
CA VAL A 387 -30.50 -14.00 -11.91
C VAL A 387 -29.00 -14.30 -11.75
N PRO A 388 -28.16 -13.26 -11.69
CA PRO A 388 -28.53 -11.84 -11.58
C PRO A 388 -28.81 -11.20 -12.94
N GLU A 389 -29.95 -10.51 -13.08
CA GLU A 389 -30.34 -9.97 -14.38
C GLU A 389 -29.53 -8.70 -14.80
N GLY A 390 -29.06 -8.70 -16.05
CA GLY A 390 -28.12 -7.71 -16.53
C GLY A 390 -26.72 -8.29 -16.57
N SER A 391 -26.36 -9.14 -15.61
CA SER A 391 -25.03 -9.72 -15.61
C SER A 391 -24.95 -11.13 -16.29
N VAL A 392 -26.06 -11.74 -16.73
CA VAL A 392 -26.04 -13.06 -17.43
C VAL A 392 -26.31 -12.94 -18.91
N TYR A 393 -25.30 -13.13 -19.74
CA TYR A 393 -25.44 -13.00 -21.19
C TYR A 393 -25.55 -14.39 -21.86
N VAL A 394 -26.61 -14.57 -22.65
CA VAL A 394 -26.95 -15.84 -23.26
C VAL A 394 -26.39 -15.89 -24.66
N LEU A 395 -25.60 -16.91 -24.95
CA LEU A 395 -24.90 -16.98 -26.23
C LEU A 395 -25.48 -18.07 -27.15
N PRO A 396 -25.58 -17.76 -28.47
CA PRO A 396 -26.00 -18.79 -29.40
C PRO A 396 -24.90 -19.83 -29.57
N SER A 397 -25.24 -21.11 -29.62
CA SER A 397 -24.25 -22.16 -29.89
C SER A 397 -23.67 -22.14 -31.31
N ASN A 398 -22.50 -22.72 -31.47
CA ASN A 398 -21.79 -22.81 -32.77
C ASN A 398 -21.67 -21.48 -33.55
N SER A 399 -21.39 -20.41 -32.83
CA SER A 399 -21.32 -19.10 -33.44
C SER A 399 -20.08 -18.38 -32.96
N SER A 400 -19.54 -17.51 -33.81
CA SER A 400 -18.39 -16.67 -33.45
C SER A 400 -18.82 -15.58 -32.47
N ILE A 401 -18.01 -15.30 -31.44
CA ILE A 401 -18.30 -14.20 -30.47
C ILE A 401 -17.13 -13.24 -30.42
N GLU A 402 -17.37 -11.93 -30.44
CA GLU A 402 -16.33 -10.96 -30.18
C GLU A 402 -16.77 -10.24 -28.95
N ILE A 403 -15.82 -9.97 -28.05
CA ILE A 403 -16.08 -9.13 -26.89
C ILE A 403 -14.95 -8.12 -26.77
N SER A 404 -15.28 -6.84 -26.52
CA SER A 404 -14.30 -5.75 -26.46
C SER A 404 -14.43 -5.14 -25.09
N PHE A 405 -13.27 -4.74 -24.54
CA PHE A 405 -13.07 -4.37 -23.13
C PHE A 405 -12.36 -3.03 -23.07
N PRO A 406 -13.04 -1.99 -23.51
CA PRO A 406 -12.40 -0.66 -23.50
C PRO A 406 -11.96 -0.16 -22.12
N ALA A 407 -10.67 0.18 -21.99
CA ALA A 407 -10.10 0.72 -20.74
C ALA A 407 -10.58 2.11 -20.51
N THR A 408 -10.81 2.51 -19.27
CA THR A 408 -11.51 3.75 -19.00
C THR A 408 -11.06 4.28 -17.65
N VAL A 409 -11.09 5.59 -17.47
CA VAL A 409 -10.76 6.17 -16.17
C VAL A 409 -11.82 5.77 -15.14
N ASN A 410 -13.02 5.42 -15.64
CA ASN A 410 -14.11 4.97 -14.80
C ASN A 410 -13.95 3.55 -14.21
N ALA A 411 -12.79 2.93 -14.40
CA ALA A 411 -12.52 1.64 -13.80
C ALA A 411 -11.08 1.69 -13.30
N PRO A 412 -10.89 2.32 -12.14
CA PRO A 412 -9.55 2.36 -11.63
C PRO A 412 -9.13 0.98 -11.18
N GLY A 413 -7.82 0.80 -11.14
CA GLY A 413 -7.20 -0.45 -10.84
C GLY A 413 -6.47 -0.96 -12.07
N ALA A 414 -6.68 -0.30 -13.22
CA ALA A 414 -6.00 -0.60 -14.49
C ALA A 414 -4.51 -0.93 -14.31
N PRO A 415 -3.99 -1.88 -15.09
CA PRO A 415 -4.73 -2.66 -16.09
C PRO A 415 -5.49 -3.85 -15.46
N HIS A 416 -6.74 -4.05 -15.85
CA HIS A 416 -7.58 -5.15 -15.30
C HIS A 416 -7.37 -6.37 -16.17
N PRO A 417 -6.96 -7.51 -15.58
CA PRO A 417 -6.77 -8.76 -16.33
C PRO A 417 -8.04 -9.61 -16.36
N PHE A 418 -8.75 -9.54 -17.47
CA PHE A 418 -10.03 -10.24 -17.65
C PHE A 418 -9.74 -11.67 -18.08
N HIS A 419 -10.56 -12.58 -17.56
CA HIS A 419 -10.43 -14.02 -17.76
C HIS A 419 -11.79 -14.55 -18.21
N LEU A 420 -11.81 -15.44 -19.21
CA LEU A 420 -13.04 -16.23 -19.61
C LEU A 420 -12.88 -17.71 -19.29
N HIS A 421 -13.87 -18.26 -18.61
CA HIS A 421 -13.84 -19.67 -18.19
C HIS A 421 -14.23 -20.50 -19.35
N GLY A 422 -13.73 -21.73 -19.35
CA GLY A 422 -14.18 -22.73 -20.33
C GLY A 422 -13.73 -22.55 -21.78
N HIS A 423 -12.78 -21.66 -22.02
CA HIS A 423 -12.38 -21.32 -23.37
C HIS A 423 -10.94 -20.88 -23.40
N THR A 424 -10.31 -20.98 -24.58
CA THR A 424 -9.24 -20.07 -24.89
C THR A 424 -9.80 -19.23 -26.02
N PHE A 425 -9.39 -17.97 -26.07
CA PHE A 425 -9.93 -17.04 -27.03
C PHE A 425 -8.77 -16.43 -27.77
N ALA A 426 -9.05 -15.81 -28.91
CA ALA A 426 -8.07 -15.09 -29.68
C ALA A 426 -7.92 -13.63 -29.23
N VAL A 427 -6.67 -13.16 -29.14
CA VAL A 427 -6.37 -11.79 -28.74
C VAL A 427 -6.24 -10.92 -30.01
N VAL A 428 -7.40 -10.64 -30.58
CA VAL A 428 -7.47 -9.90 -31.83
C VAL A 428 -6.84 -8.50 -31.75
N ARG A 429 -6.84 -7.91 -30.54
CA ARG A 429 -6.20 -6.62 -30.28
C ARG A 429 -5.64 -6.57 -28.85
N SER A 430 -4.31 -6.55 -28.69
CA SER A 430 -3.66 -6.48 -27.39
C SER A 430 -3.60 -5.05 -26.87
N ALA A 431 -3.34 -4.89 -25.57
CA ALA A 431 -3.09 -3.57 -24.95
C ALA A 431 -1.81 -2.91 -25.51
N GLY A 432 -1.77 -1.59 -25.63
CA GLY A 432 -0.64 -0.89 -26.26
C GLY A 432 -0.47 -1.19 -27.75
N SER A 433 -1.59 -1.16 -28.49
CA SER A 433 -1.62 -1.50 -29.92
C SER A 433 -2.95 -1.05 -30.50
N SER A 434 -2.90 -0.18 -31.49
CA SER A 434 -4.09 0.14 -32.27
C SER A 434 -4.43 -1.00 -33.24
N GLU A 435 -3.42 -1.75 -33.67
CA GLU A 435 -3.57 -2.71 -34.74
C GLU A 435 -4.34 -3.97 -34.31
N TYR A 436 -5.17 -4.46 -35.24
CA TYR A 436 -6.03 -5.64 -35.09
C TYR A 436 -5.44 -6.85 -35.88
N ASN A 437 -5.13 -7.95 -35.21
CA ASN A 437 -4.53 -9.10 -35.86
C ASN A 437 -5.62 -10.13 -36.00
N TYR A 438 -6.04 -10.36 -37.24
CA TYR A 438 -7.16 -11.27 -37.55
C TYR A 438 -6.66 -12.61 -38.14
N ASP A 439 -5.33 -12.77 -38.22
CA ASP A 439 -4.60 -13.83 -38.94
C ASP A 439 -3.94 -14.81 -37.95
N ASN A 440 -2.90 -14.40 -37.22
CA ASN A 440 -2.16 -15.34 -36.36
C ASN A 440 -1.96 -14.79 -34.94
N PRO A 441 -3.01 -14.15 -34.36
CA PRO A 441 -2.81 -13.68 -32.99
C PRO A 441 -2.76 -14.84 -32.00
N ILE A 442 -2.03 -14.61 -30.92
CA ILE A 442 -1.99 -15.53 -29.80
C ILE A 442 -3.40 -15.77 -29.27
N PHE A 443 -3.58 -17.00 -28.80
CA PHE A 443 -4.75 -17.48 -28.09
C PHE A 443 -4.37 -17.72 -26.61
N ARG A 444 -5.26 -17.36 -25.68
CA ARG A 444 -5.05 -17.56 -24.22
C ARG A 444 -6.38 -17.49 -23.44
N ASP A 445 -6.29 -17.60 -22.11
CA ASP A 445 -7.47 -17.43 -21.25
C ASP A 445 -7.45 -16.16 -20.29
N VAL A 446 -6.36 -15.38 -20.26
CA VAL A 446 -6.29 -14.15 -19.45
C VAL A 446 -5.54 -13.05 -20.19
N VAL A 447 -6.12 -11.87 -20.21
CA VAL A 447 -5.56 -10.74 -20.96
C VAL A 447 -5.62 -9.38 -20.24
N SER A 448 -4.50 -8.69 -20.17
CA SER A 448 -4.53 -7.29 -19.79
C SER A 448 -5.45 -6.46 -20.72
N THR A 449 -6.46 -5.79 -20.16
CA THR A 449 -7.28 -4.83 -20.91
C THR A 449 -6.67 -3.43 -20.91
N GLY A 450 -5.42 -3.30 -20.49
CA GLY A 450 -4.63 -2.08 -20.74
C GLY A 450 -5.03 -0.85 -19.91
N THR A 451 -4.60 0.31 -20.35
CA THR A 451 -4.94 1.59 -19.75
C THR A 451 -5.77 2.39 -20.75
N PRO A 452 -6.57 3.36 -20.26
CA PRO A 452 -7.48 4.15 -21.15
C PRO A 452 -6.82 4.67 -22.43
N GLY A 453 -7.47 4.41 -23.56
CA GLY A 453 -6.86 4.57 -24.87
C GLY A 453 -6.93 3.26 -25.62
N ASP A 454 -6.90 2.15 -24.86
CA ASP A 454 -6.84 0.81 -25.42
C ASP A 454 -8.23 0.32 -25.60
N ASN A 455 -8.42 -0.61 -26.53
CA ASN A 455 -9.69 -1.33 -26.69
C ASN A 455 -9.39 -2.77 -27.01
N VAL A 456 -8.85 -3.44 -26.01
CA VAL A 456 -8.50 -4.85 -26.13
C VAL A 456 -9.77 -5.64 -26.41
N THR A 457 -9.64 -6.66 -27.22
CA THR A 457 -10.78 -7.28 -27.85
C THR A 457 -10.41 -8.73 -28.14
N ILE A 458 -11.39 -9.62 -27.94
CA ILE A 458 -11.18 -11.06 -28.06
C ILE A 458 -12.22 -11.73 -28.92
N ARG A 459 -11.94 -12.97 -29.33
CA ARG A 459 -12.90 -13.81 -30.10
C ARG A 459 -12.86 -15.31 -29.79
N PHE A 460 -14.01 -15.97 -29.80
CA PHE A 460 -14.07 -17.42 -29.59
C PHE A 460 -15.36 -17.96 -30.16
N GLN A 461 -15.38 -19.26 -30.40
CA GLN A 461 -16.55 -19.98 -30.85
C GLN A 461 -17.21 -20.61 -29.62
N THR A 462 -18.52 -20.57 -29.53
CA THR A 462 -19.22 -21.27 -28.46
C THR A 462 -19.41 -22.71 -28.84
N ALA A 463 -18.42 -23.52 -28.47
CA ALA A 463 -18.36 -24.95 -28.73
C ALA A 463 -18.52 -25.71 -27.39
N ASN A 464 -19.03 -25.06 -26.35
CA ASN A 464 -18.87 -25.59 -24.95
C ASN A 464 -20.05 -25.21 -24.07
N PRO A 465 -21.15 -25.97 -24.13
CA PRO A 465 -22.39 -25.60 -23.41
C PRO A 465 -22.24 -25.40 -21.89
N GLY A 466 -22.70 -24.24 -21.43
CA GLY A 466 -22.82 -24.00 -20.00
C GLY A 466 -22.46 -22.58 -19.69
N PRO A 467 -22.74 -22.12 -18.45
CA PRO A 467 -22.40 -20.75 -18.02
C PRO A 467 -20.95 -20.66 -17.55
N TRP A 468 -20.24 -19.73 -18.16
CA TRP A 468 -18.84 -19.55 -17.88
C TRP A 468 -18.59 -18.13 -17.40
N PHE A 469 -17.84 -18.04 -16.32
CA PHE A 469 -17.64 -16.77 -15.66
C PHE A 469 -16.70 -15.93 -16.48
N LEU A 470 -16.89 -14.61 -16.45
CA LEU A 470 -16.04 -13.66 -17.19
C LEU A 470 -15.79 -12.46 -16.29
N HIS A 471 -14.56 -12.24 -15.92
CA HIS A 471 -14.32 -11.27 -14.92
C HIS A 471 -12.90 -10.84 -14.93
N CYS A 472 -12.69 -9.71 -14.25
CA CYS A 472 -11.37 -9.26 -13.85
C CYS A 472 -10.80 -10.23 -12.82
N HIS A 473 -9.57 -10.68 -13.04
CA HIS A 473 -8.96 -11.65 -12.17
C HIS A 473 -8.15 -11.03 -11.04
N ILE A 474 -8.19 -9.69 -10.91
CA ILE A 474 -7.88 -9.02 -9.65
C ILE A 474 -9.01 -9.35 -8.67
N ASP A 475 -8.73 -10.21 -7.70
CA ASP A 475 -9.79 -10.81 -6.92
C ASP A 475 -10.61 -9.82 -6.10
N PHE A 476 -9.99 -8.72 -5.69
CA PHE A 476 -10.72 -7.66 -4.97
C PHE A 476 -11.65 -6.86 -5.89
N HIS A 477 -11.35 -6.78 -7.19
CA HIS A 477 -12.31 -6.26 -8.18
C HIS A 477 -13.46 -7.27 -8.44
N LEU A 478 -13.13 -8.51 -8.81
CA LEU A 478 -14.17 -9.51 -8.96
C LEU A 478 -15.06 -9.42 -7.74
N ASP A 479 -14.49 -9.34 -6.52
CA ASP A 479 -15.32 -9.33 -5.30
C ASP A 479 -16.18 -8.11 -5.18
N ALA A 480 -15.70 -6.98 -5.69
CA ALA A 480 -16.51 -5.77 -5.75
C ALA A 480 -17.53 -5.74 -6.93
N GLY A 481 -17.77 -6.88 -7.56
CA GLY A 481 -18.80 -7.02 -8.59
C GLY A 481 -18.38 -6.96 -10.05
N PHE A 482 -17.08 -7.06 -10.34
CA PHE A 482 -16.54 -6.78 -11.70
C PHE A 482 -16.56 -8.05 -12.58
N ALA A 483 -17.79 -8.51 -12.87
CA ALA A 483 -17.99 -9.83 -13.52
C ALA A 483 -19.31 -9.93 -14.28
N VAL A 484 -19.30 -10.78 -15.30
CA VAL A 484 -20.52 -11.18 -16.03
C VAL A 484 -20.38 -12.65 -16.36
N VAL A 485 -21.52 -13.35 -16.51
CA VAL A 485 -21.58 -14.79 -16.84
C VAL A 485 -21.92 -14.91 -18.31
N MET A 486 -21.34 -15.90 -18.97
CA MET A 486 -21.63 -16.13 -20.38
C MET A 486 -22.26 -17.50 -20.56
N ALA A 487 -23.58 -17.53 -20.44
CA ALA A 487 -24.39 -18.76 -20.54
C ALA A 487 -24.52 -19.15 -21.96
N GLU A 488 -23.73 -20.10 -22.40
CA GLU A 488 -23.78 -20.50 -23.80
C GLU A 488 -24.55 -21.85 -23.97
N ASP A 489 -25.37 -21.87 -25.02
CA ASP A 489 -26.20 -22.99 -25.45
C ASP A 489 -27.12 -23.46 -24.35
N THR A 490 -27.91 -22.53 -23.83
CA THR A 490 -28.71 -22.84 -22.65
C THR A 490 -29.62 -24.02 -22.88
N PRO A 491 -30.20 -24.16 -24.09
CA PRO A 491 -31.00 -25.38 -24.33
C PRO A 491 -30.25 -26.72 -24.21
N ASP A 492 -29.04 -26.84 -24.74
CA ASP A 492 -28.25 -28.10 -24.59
C ASP A 492 -27.53 -28.27 -23.24
N THR A 493 -27.59 -27.27 -22.37
CA THR A 493 -26.69 -27.24 -21.23
C THR A 493 -26.99 -28.38 -20.26
N THR A 494 -28.24 -28.57 -19.94
CA THR A 494 -28.68 -29.74 -19.16
C THR A 494 -28.22 -31.11 -19.67
N ALA A 495 -28.32 -31.33 -20.97
CA ALA A 495 -27.94 -32.61 -21.54
C ALA A 495 -26.42 -32.78 -21.55
N ALA A 496 -25.71 -31.74 -21.94
CA ALA A 496 -24.27 -31.83 -22.15
C ALA A 496 -23.50 -31.99 -20.85
N ASN A 497 -24.03 -31.41 -19.78
CA ASN A 497 -23.40 -31.38 -18.44
C ASN A 497 -24.23 -32.15 -17.39
N PRO A 498 -24.24 -33.48 -17.52
CA PRO A 498 -25.00 -34.27 -16.56
C PRO A 498 -24.25 -34.28 -15.22
N VAL A 499 -25.00 -34.40 -14.15
CA VAL A 499 -24.57 -34.00 -12.86
C VAL A 499 -24.53 -35.19 -11.85
N PRO A 500 -23.49 -35.25 -11.00
CA PRO A 500 -23.47 -36.29 -9.96
C PRO A 500 -24.29 -35.89 -8.74
N GLN A 501 -24.53 -36.84 -7.86
CA GLN A 501 -25.46 -36.60 -6.79
C GLN A 501 -24.89 -35.60 -5.80
N ALA A 502 -23.60 -35.74 -5.50
CA ALA A 502 -22.88 -34.83 -4.61
C ALA A 502 -23.08 -33.37 -4.99
N TRP A 503 -23.13 -33.06 -6.29
CA TRP A 503 -23.29 -31.68 -6.74
C TRP A 503 -24.66 -31.20 -6.35
N SER A 504 -25.68 -31.99 -6.68
CA SER A 504 -27.04 -31.68 -6.30
C SER A 504 -27.21 -31.50 -4.78
N ASP A 505 -26.47 -32.27 -3.98
CA ASP A 505 -26.54 -32.14 -2.51
C ASP A 505 -25.76 -30.93 -1.95
N LEU A 506 -25.05 -30.12 -2.76
CA LEU A 506 -24.30 -28.91 -2.21
C LEU A 506 -25.21 -27.77 -1.73
N CYS A 507 -26.17 -27.39 -2.58
CA CYS A 507 -27.11 -26.31 -2.28
C CYS A 507 -27.91 -26.51 -0.99
N PRO A 508 -28.60 -27.67 -0.83
CA PRO A 508 -29.31 -27.96 0.45
C PRO A 508 -28.39 -27.87 1.64
N ILE A 509 -27.18 -28.45 1.54
CA ILE A 509 -26.20 -28.41 2.64
C ILE A 509 -25.88 -26.96 3.02
N TYR A 510 -25.65 -26.16 1.98
CA TYR A 510 -25.15 -24.82 2.09
C TYR A 510 -26.22 -23.91 2.72
N ASP A 511 -27.44 -24.00 2.20
CA ASP A 511 -28.58 -23.23 2.77
C ASP A 511 -28.94 -23.64 4.22
N ALA A 512 -28.62 -24.85 4.67
CA ALA A 512 -28.76 -25.20 6.10
C ALA A 512 -27.96 -24.28 7.03
N LEU A 513 -26.76 -23.91 6.60
CA LEU A 513 -25.73 -23.36 7.50
C LEU A 513 -26.16 -22.08 8.26
N ASP A 514 -25.66 -21.96 9.49
CA ASP A 514 -25.72 -20.76 10.33
C ASP A 514 -24.88 -19.66 9.62
N PRO A 515 -25.29 -18.38 9.66
CA PRO A 515 -24.34 -17.35 9.14
C PRO A 515 -22.88 -17.33 9.73
N SER A 516 -22.67 -17.83 10.95
CA SER A 516 -21.31 -17.88 11.56
C SER A 516 -20.42 -19.02 11.04
N ASP A 517 -21.00 -19.89 10.21
CA ASP A 517 -20.33 -21.08 9.65
C ASP A 517 -19.88 -20.92 8.21
N LEU A 518 -20.30 -19.83 7.56
CA LEU A 518 -19.97 -19.59 6.18
C LEU A 518 -18.49 -19.29 5.99
N ALA B 22 22.21 27.14 18.32
CA ALA B 22 20.84 27.51 17.94
C ALA B 22 20.83 28.85 17.19
N ILE B 23 20.32 28.83 15.98
CA ILE B 23 20.18 30.03 15.21
C ILE B 23 18.77 30.56 15.48
N GLY B 24 18.54 31.82 15.09
CA GLY B 24 17.22 32.46 15.24
C GLY B 24 17.18 33.34 16.45
N PRO B 25 16.16 34.21 16.61
CA PRO B 25 14.94 34.25 15.77
C PRO B 25 15.05 34.83 14.38
N VAL B 26 16.14 35.55 14.12
CA VAL B 26 16.49 36.06 12.78
C VAL B 26 17.67 35.26 12.20
N ALA B 27 17.43 34.52 11.11
CA ALA B 27 18.41 33.61 10.55
C ALA B 27 18.25 33.43 9.04
N ASP B 28 19.35 33.01 8.43
CA ASP B 28 19.40 32.66 7.03
C ASP B 28 19.46 31.16 6.98
N LEU B 29 18.58 30.55 6.21
CA LEU B 29 18.50 29.08 6.07
C LEU B 29 18.77 28.70 4.62
N THR B 30 19.96 28.18 4.36
CA THR B 30 20.40 27.90 2.99
C THR B 30 20.15 26.42 2.77
N LEU B 31 19.46 26.10 1.66
CA LEU B 31 19.08 24.76 1.30
C LEU B 31 19.88 24.30 0.10
N THR B 32 20.62 23.20 0.30
CA THR B 32 21.50 22.61 -0.71
C THR B 32 21.36 21.09 -0.69
N ASN B 33 21.84 20.43 -1.71
CA ASN B 33 21.96 18.95 -1.71
C ASN B 33 23.38 18.51 -1.32
N ALA B 34 23.51 17.36 -0.66
CA ALA B 34 24.74 16.92 -0.02
C ALA B 34 24.66 15.46 0.34
N ALA B 35 25.83 14.82 0.33
CA ALA B 35 25.96 13.46 0.82
C ALA B 35 26.08 13.49 2.34
N VAL B 36 25.45 12.53 2.97
CA VAL B 36 25.44 12.45 4.41
C VAL B 36 25.48 10.98 4.76
N SER B 37 25.86 10.68 5.99
CA SER B 37 26.13 9.35 6.46
C SER B 37 25.69 9.20 7.91
N PRO B 38 24.46 9.57 8.22
CA PRO B 38 23.95 9.51 9.60
C PRO B 38 23.93 8.10 10.21
N ASP B 39 23.61 7.09 9.38
CA ASP B 39 23.69 5.71 9.82
C ASP B 39 24.88 5.02 9.22
N GLY B 40 25.95 5.79 9.05
CA GLY B 40 27.17 5.30 8.45
C GLY B 40 26.93 4.72 7.07
N PHE B 41 26.02 5.29 6.32
CA PHE B 41 25.86 4.87 4.95
C PHE B 41 25.49 6.11 4.20
N SER B 42 26.20 6.34 3.12
CA SER B 42 26.13 7.58 2.38
C SER B 42 25.07 7.56 1.32
N ARG B 43 24.34 8.66 1.27
CA ARG B 43 23.38 8.91 0.22
C ARG B 43 23.18 10.41 0.14
N GLU B 44 22.66 10.87 -0.97
CA GLU B 44 22.34 12.31 -1.14
C GLU B 44 21.06 12.70 -0.45
N ALA B 45 21.00 13.97 -0.03
CA ALA B 45 19.90 14.48 0.82
C ALA B 45 19.70 15.96 0.62
N VAL B 46 18.62 16.48 1.18
CA VAL B 46 18.40 17.91 1.28
C VAL B 46 18.91 18.33 2.63
N VAL B 47 19.89 19.22 2.68
CA VAL B 47 20.37 19.77 3.95
C VAL B 47 20.00 21.23 4.07
N VAL B 48 20.03 21.71 5.31
CA VAL B 48 19.80 23.11 5.63
C VAL B 48 21.03 23.57 6.41
N ASN B 49 21.68 24.62 5.94
CA ASN B 49 23.02 25.04 6.46
C ASN B 49 23.93 23.85 6.73
N GLY B 50 23.95 22.91 5.80
CA GLY B 50 24.96 21.86 5.80
C GLY B 50 24.68 20.68 6.70
N VAL B 51 23.48 20.58 7.27
CA VAL B 51 23.19 19.50 8.24
C VAL B 51 21.80 18.93 8.08
N THR B 52 21.65 17.66 8.39
CA THR B 52 20.35 17.04 8.41
C THR B 52 20.37 16.08 9.55
N PRO B 53 19.45 16.16 10.50
CA PRO B 53 18.36 17.10 10.56
C PRO B 53 18.79 18.52 10.55
N ALA B 54 17.91 19.41 10.15
CA ALA B 54 18.19 20.83 10.05
C ALA B 54 18.57 21.43 11.40
N PRO B 55 19.25 22.60 11.36
CA PRO B 55 19.71 23.20 12.63
C PRO B 55 18.59 23.62 13.52
N LEU B 56 18.77 23.48 14.84
CA LEU B 56 17.80 23.97 15.85
C LEU B 56 17.57 25.47 15.70
N ILE B 57 16.30 25.85 15.51
CA ILE B 57 15.93 27.28 15.47
C ILE B 57 15.35 27.54 16.87
N SER B 58 15.50 28.78 17.34
CA SER B 58 15.00 29.17 18.68
C SER B 58 14.71 30.67 18.84
N GLY B 59 13.92 30.96 19.84
CA GLY B 59 13.51 32.30 20.14
C GLY B 59 12.82 32.20 21.48
N GLN B 60 11.95 33.16 21.77
CA GLN B 60 11.24 33.17 23.03
C GLN B 60 9.89 33.76 22.84
N LYS B 61 9.02 33.55 23.81
CA LYS B 61 7.62 33.92 23.60
C LYS B 61 7.63 35.37 23.25
N GLY B 62 6.94 35.73 22.16
CA GLY B 62 6.79 37.11 21.75
C GLY B 62 7.55 37.49 20.50
N ASP B 63 8.75 36.91 20.33
CA ASP B 63 9.64 37.19 19.19
C ASP B 63 8.97 37.06 17.83
N ARG B 64 9.41 37.94 16.95
CA ARG B 64 9.12 37.93 15.53
C ARG B 64 10.33 37.23 14.93
N PHE B 65 10.03 36.15 14.22
CA PHE B 65 11.06 35.34 13.61
C PHE B 65 11.11 35.78 12.19
N GLN B 66 12.31 35.89 11.66
CA GLN B 66 12.53 36.31 10.28
C GLN B 66 13.45 35.31 9.70
N LEU B 67 12.88 34.39 8.92
CA LEU B 67 13.63 33.23 8.43
C LEU B 67 13.71 33.31 6.92
N ASN B 68 14.92 33.64 6.42
CA ASN B 68 15.19 33.86 4.99
C ASN B 68 15.69 32.56 4.38
N VAL B 69 14.79 31.90 3.64
CA VAL B 69 15.02 30.59 3.07
C VAL B 69 15.67 30.75 1.69
N ILE B 70 16.87 30.20 1.52
CA ILE B 70 17.58 30.40 0.32
C ILE B 70 17.73 29.08 -0.39
N ASP B 71 17.09 28.97 -1.56
CA ASP B 71 17.11 27.76 -2.30
C ASP B 71 18.35 27.68 -3.17
N ASN B 72 19.24 26.76 -2.84
CA ASN B 72 20.40 26.45 -3.70
C ASN B 72 20.42 24.98 -4.04
N LEU B 73 19.22 24.42 -4.21
CA LEU B 73 19.08 23.01 -4.50
C LEU B 73 19.43 22.69 -5.96
N THR B 74 20.23 21.64 -6.19
CA THR B 74 20.48 21.16 -7.54
C THR B 74 19.64 19.95 -7.92
N ASN B 75 19.37 19.06 -6.99
CA ASN B 75 18.90 17.74 -7.35
C ASN B 75 17.36 17.66 -7.52
N HIS B 76 16.90 17.49 -8.78
CA HIS B 76 15.47 17.43 -9.16
C HIS B 76 14.76 16.13 -8.78
N THR B 77 15.50 15.02 -8.70
CA THR B 77 14.96 13.81 -8.07
C THR B 77 14.41 14.08 -6.62
N MET B 78 15.15 14.87 -5.86
CA MET B 78 14.76 15.23 -4.48
C MET B 78 14.07 16.59 -4.46
N LEU B 79 13.84 17.16 -5.64
CA LEU B 79 13.04 18.35 -5.86
C LEU B 79 13.81 19.70 -5.68
N LYS B 80 14.10 20.38 -6.78
CA LYS B 80 14.79 21.69 -6.77
C LYS B 80 13.97 22.80 -6.14
N THR B 81 12.64 22.80 -6.33
CA THR B 81 11.76 23.73 -5.65
C THR B 81 11.50 23.25 -4.24
N THR B 82 10.94 24.16 -3.41
CA THR B 82 10.69 23.89 -1.98
C THR B 82 9.83 24.91 -1.29
N SER B 83 9.48 24.59 -0.07
CA SER B 83 8.57 25.41 0.70
C SER B 83 8.74 24.96 2.15
N ILE B 84 8.68 25.87 3.12
CA ILE B 84 8.88 25.52 4.56
C ILE B 84 7.66 25.83 5.39
N HIS B 85 7.26 24.82 6.16
CA HIS B 85 6.25 24.94 7.22
C HIS B 85 6.93 25.07 8.59
N TRP B 86 6.31 25.88 9.45
CA TRP B 86 6.75 26.09 10.84
C TRP B 86 5.63 25.49 11.61
N HIS B 87 5.89 24.29 12.13
CA HIS B 87 4.85 23.39 12.60
C HIS B 87 4.39 23.74 14.00
N GLY B 88 3.12 24.07 14.17
CA GLY B 88 2.54 24.28 15.48
C GLY B 88 2.15 25.73 15.73
N PHE B 89 2.80 26.64 15.00
CA PHE B 89 2.53 28.06 15.11
C PHE B 89 1.26 28.41 14.36
N PHE B 90 0.47 29.29 14.99
CA PHE B 90 -0.86 29.74 14.49
C PHE B 90 -0.82 30.59 13.27
N GLN B 91 0.26 31.36 13.11
CA GLN B 91 0.40 32.29 12.02
C GLN B 91 -0.83 33.21 11.88
N HIS B 92 -1.26 33.87 12.98
CA HIS B 92 -2.48 34.74 12.91
C HIS B 92 -2.11 35.99 12.11
N GLY B 93 -2.88 36.27 11.07
CA GLY B 93 -2.56 37.36 10.18
C GLY B 93 -1.37 37.17 9.26
N THR B 94 -0.78 35.97 9.26
CA THR B 94 0.40 35.59 8.43
C THR B 94 0.16 34.23 7.81
N ASN B 95 -1.01 34.05 7.23
CA ASN B 95 -1.31 32.75 6.65
C ASN B 95 -0.42 32.45 5.40
N TRP B 96 -0.03 33.50 4.66
CA TRP B 96 0.90 33.39 3.53
C TRP B 96 2.22 32.67 3.85
N ALA B 97 2.69 32.90 5.06
CA ALA B 97 3.91 32.25 5.60
C ALA B 97 3.79 30.81 6.20
N ASP B 98 2.62 30.18 6.16
CA ASP B 98 2.42 28.89 6.84
C ASP B 98 3.16 27.74 6.15
N GLY B 99 3.26 27.79 4.82
CA GLY B 99 4.10 26.81 4.09
C GLY B 99 3.51 25.81 3.10
N PRO B 100 2.38 25.14 3.40
CA PRO B 100 1.94 24.11 2.48
C PRO B 100 1.80 24.55 1.03
N ALA B 101 2.35 23.75 0.13
CA ALA B 101 2.42 24.10 -1.28
C ALA B 101 1.03 24.06 -1.90
N PHE B 102 0.72 25.10 -2.68
CA PHE B 102 -0.55 25.26 -3.34
C PHE B 102 -1.73 25.34 -2.36
N VAL B 103 -1.45 25.54 -1.09
CA VAL B 103 -2.49 25.93 -0.18
C VAL B 103 -2.19 27.37 0.24
N ASN B 104 -1.03 27.60 0.83
CA ASN B 104 -0.68 28.90 1.35
C ASN B 104 0.40 29.61 0.49
N GLN B 105 1.03 28.92 -0.46
CA GLN B 105 1.96 29.55 -1.39
C GLN B 105 2.30 28.67 -2.56
N CYS B 106 2.86 29.27 -3.61
CA CYS B 106 3.53 28.48 -4.65
C CYS B 106 4.95 28.26 -4.12
N PRO B 107 5.61 27.13 -4.49
CA PRO B 107 6.99 26.84 -4.12
C PRO B 107 7.98 27.93 -4.52
N ILE B 108 9.06 28.01 -3.76
CA ILE B 108 10.21 28.85 -4.06
C ILE B 108 11.06 28.10 -5.08
N ALA B 109 11.62 28.86 -6.02
CA ALA B 109 12.47 28.28 -7.05
C ALA B 109 13.93 28.20 -6.60
N SER B 110 14.63 27.17 -7.11
CA SER B 110 16.07 27.05 -6.92
C SER B 110 16.72 28.32 -7.37
N GLY B 111 17.88 28.62 -6.77
CA GLY B 111 18.55 29.92 -6.90
C GLY B 111 17.72 31.15 -6.60
N HIS B 112 16.67 31.06 -5.78
CA HIS B 112 15.92 32.24 -5.28
C HIS B 112 15.78 32.16 -3.78
N SER B 113 15.37 33.27 -3.18
CA SER B 113 15.22 33.39 -1.74
C SER B 113 13.79 33.70 -1.35
N PHE B 114 13.43 33.39 -0.13
CA PHE B 114 12.18 33.86 0.39
C PHE B 114 12.26 34.09 1.89
N LEU B 115 11.64 35.19 2.33
CA LEU B 115 11.68 35.71 3.70
C LEU B 115 10.38 35.38 4.41
N TYR B 116 10.45 34.40 5.30
CA TYR B 116 9.36 34.06 6.21
C TYR B 116 9.44 35.06 7.37
N ASP B 117 8.35 35.75 7.61
CA ASP B 117 8.30 36.83 8.55
C ASP B 117 7.07 36.71 9.43
N PHE B 118 7.17 35.97 10.54
CA PHE B 118 6.00 35.79 11.43
C PHE B 118 6.35 36.05 12.87
N GLN B 119 5.30 36.12 13.69
CA GLN B 119 5.39 36.32 15.15
C GLN B 119 4.77 35.21 15.90
N VAL B 120 5.29 34.94 17.09
CA VAL B 120 4.68 33.97 18.01
C VAL B 120 4.37 34.69 19.33
N PRO B 121 3.34 35.54 19.31
CA PRO B 121 3.03 36.38 20.48
C PRO B 121 2.49 35.62 21.71
N ASP B 122 1.88 34.48 21.44
CA ASP B 122 0.95 33.83 22.35
C ASP B 122 1.20 32.32 22.58
N GLN B 123 2.36 31.81 22.14
CA GLN B 123 2.70 30.38 22.27
C GLN B 123 4.15 30.26 22.74
N ALA B 124 4.43 29.10 23.34
CA ALA B 124 5.80 28.65 23.65
C ALA B 124 5.89 27.13 23.72
N GLY B 125 7.10 26.64 23.83
CA GLY B 125 7.33 25.20 23.94
C GLY B 125 8.10 24.65 22.78
N THR B 126 7.86 23.38 22.51
CA THR B 126 8.61 22.64 21.53
C THR B 126 7.81 22.55 20.22
N PHE B 127 8.49 22.89 19.11
CA PHE B 127 7.96 22.74 17.75
C PHE B 127 9.05 22.18 16.76
N TRP B 128 8.79 22.31 15.47
CA TRP B 128 9.73 21.90 14.45
C TRP B 128 9.38 22.55 13.11
N TYR B 129 10.29 22.43 12.19
CA TYR B 129 10.05 22.94 10.84
C TYR B 129 10.47 21.85 9.84
N HIS B 130 9.74 21.81 8.72
CA HIS B 130 10.03 20.88 7.64
C HIS B 130 9.50 21.39 6.33
N SER B 131 10.09 20.90 5.25
CA SER B 131 9.50 21.12 3.92
C SER B 131 8.04 20.66 3.85
N HIS B 132 7.22 21.38 3.13
CA HIS B 132 5.83 21.00 3.00
C HIS B 132 5.45 21.00 1.56
N LEU B 133 6.33 20.46 0.72
CA LEU B 133 6.05 20.20 -0.66
C LEU B 133 6.37 18.76 -0.90
N SER B 134 5.36 18.05 -1.34
CA SER B 134 5.46 16.66 -1.57
C SER B 134 6.10 16.00 -0.38
N THR B 135 7.10 15.17 -0.61
CA THR B 135 7.63 14.28 0.40
C THR B 135 9.05 14.65 0.65
N GLN B 136 9.28 15.94 0.53
CA GLN B 136 10.63 16.43 0.52
C GLN B 136 11.25 16.42 1.93
N TYR B 137 10.46 16.49 3.01
CA TYR B 137 11.11 16.34 4.31
C TYR B 137 11.82 15.00 4.56
N CYS B 138 11.27 13.88 4.09
CA CYS B 138 11.95 12.55 4.18
C CYS B 138 13.37 12.52 3.67
N ASP B 139 13.60 13.28 2.60
CA ASP B 139 14.93 13.45 1.98
C ASP B 139 15.84 14.36 2.80
N GLY B 140 15.35 15.00 3.87
CA GLY B 140 16.21 15.70 4.80
C GLY B 140 15.77 17.05 5.35
N LEU B 141 14.92 17.81 4.64
CA LEU B 141 14.54 19.20 5.08
C LEU B 141 13.49 19.13 6.19
N ARG B 142 14.00 18.79 7.40
CA ARG B 142 13.23 18.75 8.67
C ARG B 142 14.13 19.01 9.89
N GLY B 143 13.62 19.75 10.86
CA GLY B 143 14.35 19.96 12.10
C GLY B 143 13.62 20.69 13.21
N PRO B 144 14.25 20.73 14.38
CA PRO B 144 13.60 21.23 15.56
C PRO B 144 13.59 22.79 15.70
N PHE B 145 12.60 23.30 16.42
CA PHE B 145 12.32 24.71 16.57
C PHE B 145 11.76 24.91 17.97
N VAL B 146 12.49 25.60 18.85
CA VAL B 146 12.04 25.78 20.26
C VAL B 146 11.76 27.25 20.57
N VAL B 147 10.71 27.49 21.36
CA VAL B 147 10.38 28.82 21.88
C VAL B 147 10.29 28.73 23.40
N TYR B 148 11.39 29.15 24.03
CA TYR B 148 11.52 29.21 25.49
C TYR B 148 10.57 30.28 26.02
N ASP B 149 10.14 30.10 27.25
CA ASP B 149 9.24 31.06 27.87
C ASP B 149 9.93 31.67 29.10
N PRO B 150 10.23 33.00 29.08
CA PRO B 150 10.76 33.62 30.31
C PRO B 150 9.94 33.34 31.60
N ASN B 151 8.64 33.13 31.53
CA ASN B 151 7.83 32.81 32.74
C ASN B 151 7.30 31.40 32.73
N ASP B 152 8.07 30.45 32.18
CA ASP B 152 7.56 29.09 32.02
C ASP B 152 7.01 28.59 33.38
N PRO B 153 5.73 28.18 33.43
CA PRO B 153 5.26 27.71 34.72
C PRO B 153 5.92 26.41 35.17
N GLN B 154 6.49 25.65 34.23
CA GLN B 154 7.17 24.39 34.53
C GLN B 154 8.64 24.61 34.93
N ALA B 155 9.11 25.88 34.91
CA ALA B 155 10.55 26.23 35.08
C ALA B 155 11.21 25.68 36.34
N SER B 156 10.52 25.76 37.47
CA SER B 156 11.01 25.22 38.76
C SER B 156 11.31 23.72 38.74
N LEU B 157 10.65 22.96 37.87
CA LEU B 157 10.80 21.51 37.84
C LEU B 157 12.10 20.93 37.30
N TYR B 158 13.01 21.76 36.81
CA TYR B 158 14.26 21.26 36.21
C TYR B 158 15.33 22.34 36.29
N ASP B 159 16.55 21.91 36.05
CA ASP B 159 17.74 22.72 36.17
C ASP B 159 18.26 23.22 34.83
N ILE B 160 18.22 22.34 33.83
CA ILE B 160 18.93 22.54 32.59
C ILE B 160 18.01 22.35 31.40
N ASP B 161 18.02 23.32 30.50
CA ASP B 161 17.24 23.28 29.29
C ASP B 161 17.94 24.12 28.21
N ASN B 162 18.62 23.46 27.29
CA ASN B 162 19.44 24.16 26.30
C ASN B 162 19.44 23.39 24.99
N ASP B 163 20.41 23.67 24.12
CA ASP B 163 20.46 22.98 22.82
C ASP B 163 20.65 21.48 22.94
N ASP B 164 21.45 21.06 23.91
CA ASP B 164 21.74 19.66 24.08
C ASP B 164 20.71 18.85 24.87
N THR B 165 19.65 19.49 25.29
CA THR B 165 18.49 18.77 25.77
C THR B 165 17.38 18.54 24.71
N VAL B 166 17.54 19.04 23.49
CA VAL B 166 16.58 18.74 22.42
C VAL B 166 16.92 17.36 21.94
N ILE B 167 15.89 16.53 21.77
CA ILE B 167 16.07 15.14 21.30
C ILE B 167 15.18 14.86 20.08
N THR B 168 15.77 14.69 18.88
CA THR B 168 14.99 14.52 17.64
C THR B 168 14.87 13.03 17.25
N LEU B 169 13.71 12.68 16.68
CA LEU B 169 13.50 11.37 16.10
C LEU B 169 13.23 11.53 14.62
N ALA B 170 14.04 10.88 13.81
CA ALA B 170 13.78 10.82 12.37
C ALA B 170 13.82 9.34 11.88
N ASP B 171 12.92 8.98 10.98
CA ASP B 171 13.03 7.71 10.22
C ASP B 171 13.83 8.04 9.02
N TRP B 172 14.75 7.16 8.66
CA TRP B 172 15.72 7.45 7.61
C TRP B 172 15.80 6.32 6.60
N TYR B 173 15.79 6.70 5.33
CA TYR B 173 15.68 5.80 4.21
C TYR B 173 16.97 5.82 3.36
N HIS B 174 17.44 4.68 2.87
CA HIS B 174 18.62 4.65 1.96
C HIS B 174 18.27 5.04 0.55
N VAL B 175 17.07 4.72 0.10
CA VAL B 175 16.52 5.17 -1.20
C VAL B 175 15.77 6.52 -1.00
N ALA B 176 15.82 7.42 -1.96
CA ALA B 176 15.19 8.74 -1.82
C ALA B 176 13.69 8.56 -1.92
N ALA B 177 12.94 9.59 -1.57
CA ALA B 177 11.50 9.49 -1.44
C ALA B 177 10.88 9.19 -2.80
N LYS B 178 11.22 10.02 -3.76
CA LYS B 178 10.70 9.81 -5.09
C LYS B 178 11.28 8.63 -5.86
N LEU B 179 12.25 7.87 -5.34
CA LEU B 179 12.84 6.67 -6.02
C LEU B 179 12.40 5.34 -5.43
N GLY B 180 11.92 5.36 -4.22
CA GLY B 180 11.51 4.14 -3.55
C GLY B 180 10.06 3.91 -3.81
N PRO B 181 9.42 3.05 -2.97
CA PRO B 181 7.98 2.84 -3.21
C PRO B 181 7.14 4.07 -2.88
N ARG B 182 5.90 4.02 -3.27
CA ARG B 182 4.98 5.09 -3.06
C ARG B 182 4.58 5.10 -1.58
N PHE B 183 4.61 3.93 -0.91
CA PHE B 183 4.27 3.85 0.51
C PHE B 183 5.36 3.09 1.24
N PRO B 184 6.54 3.72 1.40
CA PRO B 184 7.64 3.10 2.12
C PRO B 184 7.19 2.30 3.32
N PRO B 185 7.66 1.06 3.41
CA PRO B 185 7.36 0.13 4.48
C PRO B 185 8.30 0.30 5.65
N GLY B 186 8.39 1.51 6.13
CA GLY B 186 9.13 1.78 7.32
C GLY B 186 10.56 2.00 6.92
N SER B 187 11.34 2.26 7.94
CA SER B 187 12.61 2.89 7.82
C SER B 187 13.72 1.85 7.85
N ASP B 188 14.87 2.22 7.30
CA ASP B 188 16.12 1.49 7.47
C ASP B 188 16.75 1.73 8.84
N ALA B 189 16.70 2.98 9.28
CA ALA B 189 17.31 3.37 10.52
C ALA B 189 16.42 4.38 11.26
N THR B 190 16.55 4.38 12.58
CA THR B 190 15.98 5.48 13.34
C THR B 190 17.16 6.32 13.78
N LEU B 191 17.05 7.61 13.49
CA LEU B 191 18.05 8.58 13.87
C LEU B 191 17.57 9.32 15.11
N ILE B 192 18.33 9.22 16.19
CA ILE B 192 18.11 10.02 17.40
C ILE B 192 19.19 11.13 17.38
N ASN B 193 18.79 12.39 17.41
CA ASN B 193 19.76 13.51 17.23
C ASN B 193 20.71 13.31 16.02
N GLY B 194 20.14 12.81 14.92
CA GLY B 194 20.80 12.66 13.67
C GLY B 194 21.63 11.41 13.48
N LEU B 195 21.80 10.59 14.51
CA LEU B 195 22.55 9.34 14.29
C LEU B 195 21.79 8.08 14.68
N GLY B 196 22.19 6.97 14.06
CA GLY B 196 21.66 5.66 14.41
C GLY B 196 22.28 4.58 13.58
N ARG B 197 21.86 3.37 13.78
CA ARG B 197 22.40 2.26 13.03
C ARG B 197 21.28 1.70 12.21
N SER B 198 21.67 1.04 11.15
CA SER B 198 20.81 0.18 10.40
C SER B 198 21.36 -1.21 10.57
N PRO B 199 20.54 -2.27 10.31
CA PRO B 199 21.12 -3.64 10.44
C PRO B 199 22.33 -3.92 9.54
N GLY B 200 22.43 -3.25 8.38
CA GLY B 200 23.71 -3.21 7.65
C GLY B 200 24.84 -2.25 8.12
N THR B 201 24.57 -1.35 9.06
CA THR B 201 25.65 -0.54 9.59
C THR B 201 25.61 -0.57 11.08
N THR B 202 25.68 -1.78 11.61
CA THR B 202 25.68 -1.96 13.06
C THR B 202 26.93 -1.51 13.79
N ALA B 203 27.95 -0.99 13.14
CA ALA B 203 29.06 -0.35 13.89
C ALA B 203 29.09 1.17 13.76
N ALA B 204 28.04 1.76 13.21
CA ALA B 204 27.96 3.20 13.04
C ALA B 204 27.80 3.90 14.40
N ASP B 205 28.18 5.17 14.42
CA ASP B 205 28.14 5.94 15.66
C ASP B 205 26.71 6.06 16.15
N LEU B 206 26.57 5.91 17.46
CA LEU B 206 25.35 6.20 18.14
C LEU B 206 25.48 7.61 18.72
N ALA B 207 24.38 8.31 18.72
CA ALA B 207 24.26 9.53 19.39
C ALA B 207 24.40 9.27 20.88
N VAL B 208 25.07 10.22 21.53
CA VAL B 208 25.30 10.25 22.98
C VAL B 208 24.68 11.51 23.52
N ILE B 209 23.82 11.35 24.53
CA ILE B 209 23.21 12.47 25.24
C ILE B 209 23.79 12.47 26.63
N LYS B 210 24.59 13.49 26.91
CA LYS B 210 25.43 13.55 28.11
C LYS B 210 24.77 14.25 29.28
N VAL B 211 24.83 13.68 30.45
CA VAL B 211 24.18 14.26 31.65
C VAL B 211 25.11 14.17 32.83
N THR B 212 24.88 15.04 33.80
CA THR B 212 25.63 15.04 35.07
C THR B 212 24.78 14.54 36.26
N GLN B 213 25.27 13.50 36.94
CA GLN B 213 24.55 12.96 38.07
C GLN B 213 24.11 14.07 39.03
N GLY B 214 22.87 13.96 39.47
CA GLY B 214 22.28 14.94 40.37
C GLY B 214 21.48 16.07 39.75
N LYS B 215 21.58 16.27 38.45
CA LYS B 215 20.87 17.38 37.79
C LYS B 215 19.61 16.89 37.10
N ARG B 216 18.71 17.85 36.85
CA ARG B 216 17.39 17.60 36.29
C ARG B 216 17.26 18.33 34.97
N TYR B 217 17.00 17.56 33.91
CA TYR B 217 17.04 18.04 32.54
C TYR B 217 15.63 18.13 31.98
N ARG B 218 15.37 19.17 31.19
CA ARG B 218 14.14 19.26 30.37
C ARG B 218 14.45 18.78 28.94
N PHE B 219 14.20 17.49 28.68
CA PHE B 219 14.38 16.96 27.33
C PHE B 219 13.20 17.21 26.46
N ARG B 220 13.48 17.73 25.28
CA ARG B 220 12.46 18.17 24.34
C ARG B 220 12.46 17.18 23.15
N LEU B 221 11.53 16.22 23.19
CA LEU B 221 11.45 15.15 22.21
C LEU B 221 10.67 15.69 21.10
N VAL B 222 11.18 15.57 19.87
CA VAL B 222 10.47 15.98 18.67
C VAL B 222 10.46 14.83 17.62
N SER B 223 9.27 14.38 17.18
CA SER B 223 9.18 13.55 15.96
C SER B 223 9.26 14.36 14.64
N LEU B 224 10.32 14.05 13.88
CA LEU B 224 10.50 14.56 12.54
C LEU B 224 10.10 13.44 11.53
N SER B 225 9.47 12.37 12.05
CA SER B 225 9.08 11.24 11.26
C SER B 225 8.22 11.62 10.09
N CYS B 226 8.58 11.01 8.97
CA CYS B 226 7.79 11.00 7.77
C CYS B 226 6.62 10.06 7.88
N ASP B 227 6.80 8.99 8.66
CA ASP B 227 5.81 7.94 8.68
C ASP B 227 5.65 7.27 10.02
N PRO B 228 6.56 6.36 10.42
CA PRO B 228 6.18 5.66 11.62
C PRO B 228 6.16 6.47 12.88
N ASN B 229 5.36 5.97 13.82
CA ASN B 229 5.46 6.37 15.21
C ASN B 229 6.54 5.56 15.89
N HIS B 230 7.08 6.12 16.96
CA HIS B 230 8.11 5.44 17.76
C HIS B 230 7.69 5.31 19.22
N THR B 231 8.29 4.32 19.87
CA THR B 231 8.01 4.03 21.23
C THR B 231 9.31 4.30 22.00
N PHE B 232 9.34 5.50 22.66
CA PHE B 232 10.50 6.05 23.38
C PHE B 232 10.56 5.61 24.87
N SER B 233 11.74 5.15 25.31
CA SER B 233 12.01 4.52 26.64
C SER B 233 13.44 4.91 26.94
N ILE B 234 13.82 5.09 28.18
CA ILE B 234 15.25 5.20 28.56
C ILE B 234 15.49 4.12 29.62
N ASP B 235 16.44 3.21 29.44
CA ASP B 235 16.64 2.18 30.44
C ASP B 235 16.92 2.79 31.76
N GLY B 236 16.31 2.23 32.78
CA GLY B 236 16.64 2.57 34.16
C GLY B 236 16.12 3.91 34.63
N HIS B 237 15.32 4.61 33.81
CA HIS B 237 14.82 5.95 34.13
C HIS B 237 13.35 6.10 33.82
N THR B 238 12.78 7.10 34.47
CA THR B 238 11.39 7.50 34.26
C THR B 238 11.43 8.84 33.55
N MET B 239 10.24 9.37 33.25
CA MET B 239 10.12 10.57 32.45
C MET B 239 8.82 11.31 32.83
N THR B 240 8.89 12.63 33.02
CA THR B 240 7.76 13.39 33.57
C THR B 240 7.30 14.41 32.57
N ILE B 241 6.19 14.14 31.93
CA ILE B 241 5.77 14.97 30.84
C ILE B 241 5.24 16.27 31.40
N ILE B 242 5.81 17.38 30.94
CA ILE B 242 5.35 18.70 31.32
C ILE B 242 4.82 19.47 30.09
N GLU B 243 4.86 18.86 28.90
CA GLU B 243 4.47 19.57 27.69
C GLU B 243 4.11 18.57 26.60
N ALA B 244 3.06 18.85 25.84
CA ALA B 244 2.77 18.13 24.62
C ALA B 244 2.34 19.07 23.49
N ASP B 245 3.06 19.02 22.37
CA ASP B 245 2.72 19.82 21.20
C ASP B 245 2.49 21.29 21.55
N SER B 246 3.40 21.86 22.34
CA SER B 246 3.40 23.28 22.64
C SER B 246 2.47 23.66 23.78
N VAL B 247 1.71 22.71 24.34
CA VAL B 247 0.77 23.00 25.42
C VAL B 247 1.32 22.38 26.68
N ASN B 248 1.34 23.13 27.78
CA ASN B 248 1.93 22.62 29.04
C ASN B 248 0.93 21.70 29.70
N THR B 249 1.43 20.73 30.45
CA THR B 249 0.54 19.76 31.11
C THR B 249 0.79 19.61 32.59
N GLN B 250 -0.17 19.03 33.25
CA GLN B 250 0.05 18.65 34.61
C GLN B 250 1.19 17.69 34.56
N PRO B 251 2.15 17.80 35.45
CA PRO B 251 3.22 16.80 35.27
C PRO B 251 2.69 15.38 35.38
N LEU B 252 3.25 14.48 34.58
CA LEU B 252 2.78 13.12 34.42
C LEU B 252 3.98 12.17 34.32
N GLU B 253 4.30 11.47 35.41
CA GLU B 253 5.39 10.47 35.38
C GLU B 253 5.06 9.24 34.50
N VAL B 254 5.93 8.89 33.54
CA VAL B 254 5.81 7.65 32.71
C VAL B 254 7.15 6.99 32.48
N ASP B 255 7.14 5.70 32.09
CA ASP B 255 8.37 5.01 31.60
C ASP B 255 8.38 4.49 30.11
N SER B 256 7.48 5.01 29.27
CA SER B 256 7.38 4.62 27.87
C SER B 256 6.47 5.65 27.22
N ILE B 257 6.80 6.12 26.01
CA ILE B 257 5.97 7.13 25.29
C ILE B 257 5.86 6.80 23.81
N GLN B 258 4.63 6.77 23.32
CA GLN B 258 4.39 6.54 21.93
C GLN B 258 4.18 7.93 21.33
N ILE B 259 5.16 8.27 20.52
CA ILE B 259 5.16 9.51 19.84
C ILE B 259 4.93 9.26 18.32
N PHE B 260 3.89 9.90 17.81
CA PHE B 260 3.51 9.81 16.43
C PHE B 260 4.19 10.93 15.63
N ALA B 261 4.27 10.72 14.31
CA ALA B 261 4.86 11.67 13.39
C ALA B 261 4.35 13.08 13.61
N ALA B 262 5.28 14.02 13.82
CA ALA B 262 4.99 15.45 14.13
C ALA B 262 4.64 15.83 15.61
N GLN B 263 4.42 14.87 16.49
CA GLN B 263 4.15 15.20 17.90
C GLN B 263 5.41 15.58 18.61
N ARG B 264 5.27 16.38 19.66
CA ARG B 264 6.32 16.71 20.58
C ARG B 264 5.89 16.48 22.02
N TYR B 265 6.80 15.99 22.84
CA TYR B 265 6.69 16.07 24.31
C TYR B 265 7.91 16.82 24.93
N SER B 266 7.71 17.52 26.06
CA SER B 266 8.86 17.85 26.96
C SER B 266 8.71 16.93 28.14
N PHE B 267 9.83 16.40 28.61
CA PHE B 267 9.80 15.52 29.74
C PHE B 267 11.05 15.80 30.56
N VAL B 268 10.86 15.87 31.88
CA VAL B 268 11.94 16.02 32.83
C VAL B 268 12.54 14.67 33.21
N LEU B 269 13.88 14.63 33.21
CA LEU B 269 14.67 13.51 33.66
C LEU B 269 15.59 13.96 34.83
N ASP B 270 15.57 13.23 35.94
CA ASP B 270 16.46 13.44 37.07
C ASP B 270 17.61 12.46 36.77
N ALA B 271 18.82 12.98 36.53
CA ALA B 271 19.98 12.11 36.32
C ALA B 271 20.45 11.65 37.70
N SER B 272 19.57 10.94 38.36
CA SER B 272 19.81 10.53 39.72
C SER B 272 20.06 9.03 39.82
N GLN B 273 20.75 8.44 38.86
CA GLN B 273 21.02 7.00 38.89
C GLN B 273 22.51 6.87 38.95
N PRO B 274 23.03 5.65 39.11
CA PRO B 274 24.46 5.61 39.16
C PRO B 274 25.08 6.10 37.85
N VAL B 275 26.31 6.59 37.91
CA VAL B 275 27.04 6.98 36.72
C VAL B 275 27.33 5.77 35.82
N ASP B 276 26.64 5.70 34.67
CA ASP B 276 26.86 4.64 33.69
C ASP B 276 26.34 5.07 32.33
N ASN B 277 26.30 4.10 31.41
CA ASN B 277 25.73 4.21 30.11
C ASN B 277 24.38 3.52 30.10
N TYR B 278 23.35 4.21 29.67
CA TYR B 278 22.03 3.63 29.62
C TYR B 278 21.49 3.73 28.18
N TRP B 279 20.97 2.62 27.64
CA TRP B 279 20.39 2.66 26.31
C TRP B 279 19.19 3.58 26.31
N ILE B 280 19.20 4.51 25.35
CA ILE B 280 18.00 5.27 24.96
C ILE B 280 17.37 4.47 23.81
N ARG B 281 16.05 4.37 23.78
CA ARG B 281 15.38 3.42 22.88
C ARG B 281 14.26 4.12 22.16
N ALA B 282 14.22 3.96 20.83
CA ALA B 282 13.21 4.59 19.95
C ALA B 282 12.75 3.57 18.91
N ASN B 283 11.85 2.67 19.31
CA ASN B 283 11.40 1.56 18.46
C ASN B 283 10.26 1.98 17.51
N PRO B 284 10.44 1.78 16.19
CA PRO B 284 9.32 2.16 15.29
C PRO B 284 8.20 1.11 15.16
N SER B 285 6.98 1.57 14.90
CA SER B 285 5.84 0.71 14.63
C SER B 285 6.15 -0.30 13.53
N PHE B 286 6.95 0.06 12.53
CA PHE B 286 7.36 -0.91 11.50
C PHE B 286 8.62 -0.46 10.79
N GLY B 287 9.16 -1.33 9.95
CA GLY B 287 10.49 -1.15 9.33
C GLY B 287 11.49 -2.09 9.99
N ASN B 288 12.77 -1.74 10.01
CA ASN B 288 13.70 -2.58 10.77
C ASN B 288 13.52 -2.25 12.24
N THR B 289 13.28 -3.27 13.03
CA THR B 289 12.53 -3.16 14.26
C THR B 289 13.32 -3.79 15.39
N GLY B 290 13.20 -3.24 16.58
CA GLY B 290 14.00 -3.70 17.74
C GLY B 290 15.44 -3.12 17.84
N PHE B 291 16.31 -3.82 18.57
CA PHE B 291 17.60 -3.24 18.97
C PHE B 291 18.82 -4.11 18.70
N ALA B 292 18.67 -5.20 17.96
CA ALA B 292 19.81 -6.05 17.69
C ALA B 292 20.89 -5.20 17.02
N GLY B 293 22.09 -5.21 17.58
CA GLY B 293 23.23 -4.47 17.03
C GLY B 293 23.22 -3.00 17.40
N GLY B 294 22.29 -2.63 18.29
CA GLY B 294 22.06 -1.26 18.67
C GLY B 294 21.36 -0.42 17.64
N ILE B 295 20.58 -1.06 16.77
CA ILE B 295 19.70 -0.27 15.91
C ILE B 295 18.61 0.38 16.74
N ASN B 296 17.98 1.41 16.19
CA ASN B 296 17.00 2.21 16.94
C ASN B 296 17.41 2.56 18.38
N SER B 297 18.69 2.86 18.57
CA SER B 297 19.20 3.22 19.87
C SER B 297 20.07 4.44 19.84
N ALA B 298 20.24 4.97 21.04
CA ALA B 298 21.17 6.01 21.36
C ALA B 298 21.60 5.77 22.79
N ILE B 299 22.36 6.70 23.37
CA ILE B 299 23.05 6.46 24.64
C ILE B 299 22.93 7.68 25.50
N LEU B 300 22.44 7.45 26.71
CA LEU B 300 22.44 8.42 27.77
C LEU B 300 23.68 8.15 28.52
N ARG B 301 24.61 9.11 28.52
CA ARG B 301 25.89 8.89 29.19
C ARG B 301 26.08 9.92 30.30
N TYR B 302 26.22 9.40 31.51
CA TYR B 302 26.55 10.18 32.67
C TYR B 302 27.99 10.55 32.51
N LEU B 303 28.27 11.83 32.76
CA LEU B 303 29.64 12.35 32.75
C LEU B 303 30.43 11.49 33.68
N GLY B 304 31.43 10.83 33.12
CA GLY B 304 32.42 10.12 33.89
C GLY B 304 32.37 8.66 33.61
N ALA B 305 31.29 8.23 32.98
CA ALA B 305 31.16 6.83 32.52
C ALA B 305 32.16 6.53 31.42
N PRO B 306 32.63 5.25 31.33
CA PRO B 306 33.51 4.92 30.18
C PRO B 306 32.78 5.07 28.80
N GLU B 307 33.55 5.36 27.74
CA GLU B 307 32.96 5.66 26.44
C GLU B 307 32.74 4.34 25.75
N ILE B 308 31.68 3.65 26.13
CA ILE B 308 31.28 2.32 25.58
C ILE B 308 29.76 2.22 25.46
N GLU B 309 29.29 1.20 24.78
CA GLU B 309 27.86 0.97 24.67
C GLU B 309 27.28 0.46 25.98
N PRO B 310 26.09 0.97 26.38
CA PRO B 310 25.39 0.45 27.52
C PRO B 310 25.19 -1.04 27.43
N THR B 311 25.25 -1.76 28.54
CA THR B 311 24.72 -3.13 28.59
C THR B 311 23.53 -3.29 29.53
N THR B 312 22.73 -2.24 29.67
CA THR B 312 21.48 -2.32 30.41
C THR B 312 20.45 -3.11 29.58
N THR B 313 19.43 -3.67 30.23
CA THR B 313 18.37 -4.35 29.47
C THR B 313 17.01 -3.68 29.62
N GLN B 314 16.07 -4.17 28.82
CA GLN B 314 14.65 -3.75 28.80
C GLN B 314 13.91 -3.95 30.13
N THR B 315 12.65 -3.51 30.20
CA THR B 315 11.72 -3.92 31.26
C THR B 315 10.33 -3.79 30.73
N THR B 316 9.38 -4.51 31.28
CA THR B 316 7.99 -4.34 30.88
C THR B 316 7.61 -2.95 31.40
N PRO B 317 7.17 -2.06 30.51
CA PRO B 317 6.85 -0.75 31.03
C PRO B 317 5.79 -0.86 32.09
N THR B 318 6.05 -0.23 33.21
CA THR B 318 5.11 -0.19 34.31
C THR B 318 3.99 0.83 33.98
N LYS B 319 4.27 2.11 33.69
CA LYS B 319 3.21 3.12 33.41
C LYS B 319 3.44 3.86 32.09
N PRO B 320 3.05 3.25 30.95
CA PRO B 320 3.15 3.93 29.65
C PRO B 320 2.27 5.13 29.57
N LEU B 321 2.40 5.95 28.53
CA LEU B 321 1.59 7.15 28.38
C LEU B 321 0.25 6.84 27.73
N THR B 322 -0.89 7.32 28.28
CA THR B 322 -2.14 7.55 27.46
C THR B 322 -2.46 9.03 27.40
N GLU B 323 -2.89 9.47 26.22
CA GLU B 323 -3.39 10.83 26.01
C GLU B 323 -4.45 11.21 27.07
N VAL B 324 -5.35 10.27 27.26
CA VAL B 324 -6.39 10.31 28.25
C VAL B 324 -5.88 10.80 29.63
N ASP B 325 -4.67 10.41 30.01
CA ASP B 325 -4.05 10.93 31.24
C ASP B 325 -3.37 12.30 31.18
N LEU B 326 -3.11 12.83 30.00
CA LEU B 326 -2.57 14.17 29.91
C LEU B 326 -3.69 15.11 30.19
N HIS B 327 -3.38 16.22 30.88
CA HIS B 327 -4.37 17.28 31.04
C HIS B 327 -3.65 18.59 31.01
N PRO B 328 -4.29 19.62 30.48
CA PRO B 328 -3.65 20.94 30.47
C PRO B 328 -3.22 21.46 31.86
N LEU B 329 -2.00 21.96 31.97
CA LEU B 329 -1.55 22.58 33.24
C LEU B 329 -2.40 23.76 33.65
N THR B 330 -2.69 24.61 32.69
CA THR B 330 -3.62 25.73 32.82
C THR B 330 -4.95 25.21 32.40
N PRO B 331 -6.00 25.53 33.16
CA PRO B 331 -7.33 25.19 32.66
C PRO B 331 -7.61 25.80 31.29
N MET B 332 -8.14 25.01 30.38
CA MET B 332 -8.39 25.49 29.04
C MET B 332 -9.73 24.98 28.74
N ALA B 333 -10.55 25.80 28.11
CA ALA B 333 -11.95 25.49 27.97
C ALA B 333 -12.31 24.84 26.62
N VAL B 334 -13.01 23.71 26.66
CA VAL B 334 -13.47 23.00 25.46
C VAL B 334 -14.65 23.74 24.81
N PRO B 335 -14.55 24.14 23.54
CA PRO B 335 -15.66 24.83 22.91
C PRO B 335 -16.91 23.96 22.81
N GLY B 336 -18.08 24.62 22.82
CA GLY B 336 -19.34 23.93 22.63
C GLY B 336 -19.89 23.30 23.88
N ARG B 337 -20.91 22.49 23.69
CA ARG B 337 -21.65 21.95 24.81
C ARG B 337 -21.18 20.51 25.04
N PRO B 338 -21.13 20.04 26.33
CA PRO B 338 -20.55 18.72 26.58
C PRO B 338 -21.44 17.56 26.15
N GLU B 339 -21.87 17.58 24.90
CA GLU B 339 -22.42 16.43 24.29
C GLU B 339 -21.97 16.42 22.82
N PRO B 340 -21.92 15.21 22.22
CA PRO B 340 -21.46 15.11 20.84
C PRO B 340 -22.31 15.90 19.91
N GLY B 341 -21.69 16.41 18.86
CA GLY B 341 -22.37 17.22 17.86
C GLY B 341 -22.72 18.57 18.44
N GLY B 342 -22.24 18.86 19.64
CA GLY B 342 -22.65 20.03 20.38
C GLY B 342 -21.95 21.32 19.96
N VAL B 343 -21.95 21.62 18.67
CA VAL B 343 -21.19 22.73 18.12
C VAL B 343 -21.93 23.39 16.97
N ASP B 344 -21.33 24.44 16.42
CA ASP B 344 -21.90 25.19 15.31
C ASP B 344 -21.80 24.49 13.97
N LYS B 345 -20.68 23.78 13.74
CA LYS B 345 -20.37 23.09 12.49
C LYS B 345 -19.70 21.77 12.87
N PRO B 346 -20.44 20.67 12.97
CA PRO B 346 -19.83 19.39 13.24
C PRO B 346 -19.62 18.63 11.96
N LEU B 347 -18.36 18.25 11.70
CA LEU B 347 -17.97 17.46 10.53
C LEU B 347 -17.48 16.03 10.84
N ASN B 348 -17.75 15.12 9.91
CA ASN B 348 -17.20 13.75 9.92
C ASN B 348 -16.28 13.45 8.71
N MET B 349 -15.09 12.91 8.99
CA MET B 349 -14.16 12.55 7.92
C MET B 349 -14.25 11.07 7.63
N VAL B 350 -14.94 10.74 6.56
CA VAL B 350 -14.94 9.36 6.11
C VAL B 350 -13.75 9.14 5.21
N PHE B 351 -12.84 8.28 5.69
CA PHE B 351 -11.70 7.88 4.92
C PHE B 351 -12.02 6.80 3.86
N ASN B 352 -11.26 6.82 2.77
CA ASN B 352 -11.28 5.70 1.87
C ASN B 352 -9.97 5.63 1.04
N PHE B 353 -9.93 4.70 0.09
CA PHE B 353 -8.70 4.31 -0.59
C PHE B 353 -9.05 3.43 -1.79
N ASN B 354 -8.55 3.76 -2.97
CA ASN B 354 -8.88 2.96 -4.18
C ASN B 354 -7.74 1.96 -4.63
N GLY B 355 -6.88 1.54 -3.70
CA GLY B 355 -5.62 0.89 -4.08
C GLY B 355 -4.41 1.83 -4.24
N THR B 356 -4.66 3.11 -4.50
CA THR B 356 -3.53 4.02 -4.65
C THR B 356 -3.73 5.42 -4.06
N ASN B 357 -4.97 5.86 -3.95
CA ASN B 357 -5.26 7.22 -3.51
C ASN B 357 -6.11 7.23 -2.26
N PHE B 358 -5.82 8.17 -1.37
CA PHE B 358 -6.67 8.38 -0.20
C PHE B 358 -7.78 9.35 -0.54
N PHE B 359 -8.83 9.24 0.24
CA PHE B 359 -10.08 9.96 0.03
C PHE B 359 -10.63 10.31 1.40
N ILE B 360 -11.04 11.57 1.51
CA ILE B 360 -11.80 12.02 2.68
C ILE B 360 -13.15 12.49 2.12
N ASN B 361 -14.22 11.97 2.68
CA ASN B 361 -15.55 12.23 2.17
C ASN B 361 -15.67 12.10 0.65
N ASN B 362 -15.09 11.03 0.08
CA ASN B 362 -15.11 10.81 -1.36
C ASN B 362 -14.21 11.74 -2.25
N HIS B 363 -13.18 12.37 -1.71
CA HIS B 363 -12.35 13.27 -2.55
C HIS B 363 -10.93 13.13 -2.16
N SER B 364 -10.07 13.07 -3.17
CA SER B 364 -8.64 12.83 -2.96
C SER B 364 -7.93 14.14 -3.24
N PHE B 365 -7.27 14.73 -2.28
CA PHE B 365 -6.73 16.06 -2.49
C PHE B 365 -5.69 16.06 -3.60
N VAL B 366 -5.94 16.88 -4.62
CA VAL B 366 -4.95 17.24 -5.65
C VAL B 366 -4.63 18.71 -5.50
N PRO B 367 -3.34 19.07 -5.45
CA PRO B 367 -3.10 20.49 -5.19
C PRO B 367 -3.61 21.34 -6.33
N PRO B 368 -4.20 22.49 -6.05
CA PRO B 368 -4.62 23.33 -7.16
C PRO B 368 -3.45 24.12 -7.73
N SER B 369 -3.52 24.45 -9.02
CA SER B 369 -2.43 25.18 -9.71
C SER B 369 -2.29 26.63 -9.26
N VAL B 370 -3.41 27.26 -8.88
CA VAL B 370 -3.40 28.48 -8.09
C VAL B 370 -3.64 28.09 -6.64
N PRO B 371 -2.74 28.55 -5.73
CA PRO B 371 -2.90 28.32 -4.31
C PRO B 371 -4.24 28.75 -3.78
N VAL B 372 -4.65 28.11 -2.71
CA VAL B 372 -5.96 28.42 -2.13
C VAL B 372 -6.05 29.82 -1.50
N LEU B 373 -4.94 30.36 -1.02
CA LEU B 373 -4.95 31.69 -0.39
C LEU B 373 -5.13 32.70 -1.49
N LEU B 374 -4.37 32.57 -2.57
CA LEU B 374 -4.50 33.48 -3.73
C LEU B 374 -5.91 33.38 -4.34
N GLN B 375 -6.51 32.18 -4.34
CA GLN B 375 -7.90 32.06 -4.78
C GLN B 375 -8.82 32.90 -3.94
N ILE B 376 -8.62 32.86 -2.62
CA ILE B 376 -9.43 33.66 -1.68
C ILE B 376 -9.13 35.16 -1.88
N LEU B 377 -7.85 35.50 -1.88
CA LEU B 377 -7.37 36.89 -2.11
C LEU B 377 -7.70 37.43 -3.47
N SER B 378 -7.96 36.57 -4.46
CA SER B 378 -8.47 37.02 -5.76
C SER B 378 -9.98 36.97 -5.77
N GLY B 379 -10.63 36.87 -4.60
CA GLY B 379 -12.06 37.06 -4.50
C GLY B 379 -12.94 35.84 -4.35
N ALA B 380 -12.43 34.63 -4.60
CA ALA B 380 -13.29 33.42 -4.48
C ALA B 380 -13.47 33.10 -3.01
N GLN B 381 -14.73 33.05 -2.55
CA GLN B 381 -15.06 32.85 -1.13
C GLN B 381 -16.00 31.74 -0.80
N ALA B 382 -16.87 31.36 -1.72
CA ALA B 382 -17.78 30.23 -1.56
C ALA B 382 -17.09 28.89 -1.88
N ALA B 383 -17.50 27.82 -1.18
CA ALA B 383 -16.91 26.50 -1.34
C ALA B 383 -16.91 25.96 -2.76
N GLN B 384 -17.93 26.30 -3.55
CA GLN B 384 -18.03 25.82 -4.93
C GLN B 384 -17.12 26.59 -5.93
N ASP B 385 -16.69 27.81 -5.56
CA ASP B 385 -15.81 28.65 -6.39
C ASP B 385 -14.32 28.42 -6.14
N LEU B 386 -13.99 27.67 -5.08
CA LEU B 386 -12.60 27.28 -4.76
C LEU B 386 -12.29 25.87 -5.27
N VAL B 387 -11.07 25.68 -5.78
CA VAL B 387 -10.60 24.35 -6.24
C VAL B 387 -9.46 23.89 -5.30
N PRO B 388 -9.33 22.57 -5.04
CA PRO B 388 -10.14 21.50 -5.64
C PRO B 388 -11.50 21.39 -4.96
N GLU B 389 -12.58 21.61 -5.67
CA GLU B 389 -13.94 21.51 -5.08
C GLU B 389 -14.18 20.09 -4.57
N GLY B 390 -14.69 20.01 -3.34
CA GLY B 390 -14.91 18.74 -2.65
C GLY B 390 -13.79 18.31 -1.72
N SER B 391 -12.70 19.08 -1.71
CA SER B 391 -11.60 18.93 -0.80
C SER B 391 -11.45 20.19 0.09
N VAL B 392 -12.17 21.28 -0.23
CA VAL B 392 -12.11 22.55 0.53
C VAL B 392 -13.43 22.84 1.24
N TYR B 393 -13.35 23.12 2.55
CA TYR B 393 -14.51 23.20 3.44
C TYR B 393 -14.53 24.60 4.02
N VAL B 394 -15.58 25.38 3.73
CA VAL B 394 -15.70 26.76 4.27
C VAL B 394 -16.42 26.78 5.60
N LEU B 395 -15.85 27.53 6.53
CA LEU B 395 -16.33 27.60 7.90
C LEU B 395 -16.68 29.02 8.30
N PRO B 396 -17.64 29.18 9.25
CA PRO B 396 -18.01 30.45 9.87
C PRO B 396 -17.09 30.88 11.02
N SER B 397 -17.00 32.19 11.33
CA SER B 397 -16.12 32.72 12.42
C SER B 397 -16.72 32.61 13.83
N ASN B 398 -15.90 32.79 14.86
CA ASN B 398 -16.32 32.68 16.32
C ASN B 398 -17.29 31.51 16.54
N SER B 399 -17.03 30.43 15.81
CA SER B 399 -17.89 29.26 15.77
C SER B 399 -17.09 28.11 16.29
N SER B 400 -17.69 27.30 17.14
CA SER B 400 -17.11 26.05 17.56
C SER B 400 -17.19 25.06 16.38
N ILE B 401 -16.13 24.30 16.16
CA ILE B 401 -16.11 23.26 15.18
C ILE B 401 -15.81 21.97 15.93
N GLU B 402 -16.50 20.90 15.55
CA GLU B 402 -16.10 19.54 15.95
C GLU B 402 -15.77 18.70 14.69
N ILE B 403 -14.69 17.92 14.76
CA ILE B 403 -14.28 17.03 13.68
C ILE B 403 -14.00 15.63 14.23
N SER B 404 -14.59 14.65 13.52
CA SER B 404 -14.49 13.25 13.88
C SER B 404 -13.80 12.55 12.75
N PHE B 405 -12.91 11.62 13.13
CA PHE B 405 -12.02 10.86 12.22
C PHE B 405 -12.19 9.34 12.38
N PRO B 406 -13.37 8.83 12.04
CA PRO B 406 -13.55 7.44 12.38
C PRO B 406 -12.55 6.54 11.68
N ALA B 407 -12.00 5.68 12.48
CA ALA B 407 -11.00 4.80 12.02
C ALA B 407 -11.62 3.63 11.25
N THR B 408 -11.13 3.36 10.04
CA THR B 408 -11.62 2.28 9.16
C THR B 408 -10.49 1.45 8.51
N VAL B 409 -10.69 0.15 8.33
CA VAL B 409 -9.85 -0.73 7.49
C VAL B 409 -9.61 -0.23 6.04
N ASN B 410 -10.52 0.61 5.51
CA ASN B 410 -10.31 1.21 4.18
C ASN B 410 -9.44 2.45 4.17
N ALA B 411 -8.58 2.60 5.17
CA ALA B 411 -7.48 3.57 5.16
C ALA B 411 -6.26 2.87 5.74
N PRO B 412 -5.46 2.24 4.87
CA PRO B 412 -4.34 1.44 5.35
C PRO B 412 -3.20 2.32 5.71
N GLY B 413 -2.41 1.86 6.66
CA GLY B 413 -1.33 2.62 7.22
C GLY B 413 -1.66 3.23 8.56
N ALA B 414 -2.87 2.99 9.05
CA ALA B 414 -3.28 3.41 10.38
C ALA B 414 -2.29 2.87 11.40
N PRO B 415 -1.99 3.60 12.47
CA PRO B 415 -2.75 4.77 12.90
C PRO B 415 -2.26 6.01 12.23
N HIS B 416 -3.18 6.81 11.74
CA HIS B 416 -2.85 7.99 11.00
C HIS B 416 -2.78 9.13 11.98
N PRO B 417 -1.64 9.81 12.07
CA PRO B 417 -1.59 11.03 12.87
C PRO B 417 -2.03 12.24 12.09
N PHE B 418 -3.28 12.61 12.25
CA PHE B 418 -3.83 13.79 11.56
C PHE B 418 -3.41 15.03 12.31
N HIS B 419 -3.26 16.08 11.56
CA HIS B 419 -2.73 17.31 12.08
C HIS B 419 -3.49 18.44 11.47
N LEU B 420 -3.83 19.44 12.27
CA LEU B 420 -4.42 20.70 11.81
C LEU B 420 -3.47 21.92 11.98
N HIS B 421 -3.44 22.74 10.93
CA HIS B 421 -2.57 23.88 10.81
C HIS B 421 -3.21 25.07 11.45
N GLY B 422 -2.40 25.99 11.95
CA GLY B 422 -2.94 27.25 12.44
C GLY B 422 -3.90 27.15 13.60
N HIS B 423 -3.79 26.08 14.37
CA HIS B 423 -4.70 25.79 15.45
C HIS B 423 -4.02 24.84 16.40
N THR B 424 -4.45 24.86 17.66
CA THR B 424 -4.34 23.66 18.46
C THR B 424 -5.75 23.41 18.97
N PHE B 425 -6.11 22.15 19.18
CA PHE B 425 -7.49 21.75 19.36
C PHE B 425 -7.62 20.83 20.58
N ALA B 426 -8.87 20.56 20.97
CA ALA B 426 -9.16 19.74 22.15
C ALA B 426 -9.42 18.32 21.74
N VAL B 427 -8.78 17.36 22.40
CA VAL B 427 -9.02 15.95 22.06
C VAL B 427 -10.08 15.32 22.99
N VAL B 428 -11.33 15.59 22.64
CA VAL B 428 -12.47 15.16 23.44
C VAL B 428 -12.52 13.63 23.52
N ARG B 429 -12.07 12.94 22.47
CA ARG B 429 -11.87 11.48 22.52
C ARG B 429 -10.58 10.96 21.86
N SER B 430 -9.74 10.29 22.62
CA SER B 430 -8.51 9.70 22.08
C SER B 430 -8.75 8.26 21.63
N ALA B 431 -7.77 7.72 20.93
CA ALA B 431 -7.74 6.34 20.53
C ALA B 431 -7.58 5.45 21.78
N GLY B 432 -8.16 4.24 21.76
CA GLY B 432 -8.11 3.32 22.90
C GLY B 432 -9.26 3.62 23.86
N SER B 433 -9.50 4.92 24.09
CA SER B 433 -10.68 5.42 24.77
C SER B 433 -11.96 5.21 23.95
N SER B 434 -13.06 4.99 24.68
CA SER B 434 -14.46 5.21 24.19
C SER B 434 -15.15 6.36 24.94
N GLU B 435 -14.77 6.57 26.22
CA GLU B 435 -14.96 7.82 26.98
C GLU B 435 -14.74 9.07 26.11
N TYR B 436 -15.78 9.90 25.96
CA TYR B 436 -15.60 11.31 25.54
C TYR B 436 -15.11 12.15 26.75
N ASN B 437 -14.66 13.37 26.51
CA ASN B 437 -14.14 14.24 27.60
C ASN B 437 -14.16 15.70 27.19
N TYR B 438 -15.27 16.37 27.56
CA TYR B 438 -15.51 17.75 27.25
C TYR B 438 -15.05 18.64 28.40
N ASP B 439 -14.52 18.05 29.50
CA ASP B 439 -14.12 18.73 30.78
C ASP B 439 -12.65 19.24 30.72
N ASN B 440 -11.65 18.36 30.89
CA ASN B 440 -10.20 18.73 30.90
C ASN B 440 -9.37 17.85 29.92
N PRO B 441 -9.82 17.79 28.65
CA PRO B 441 -8.98 17.04 27.74
C PRO B 441 -7.69 17.80 27.50
N ILE B 442 -6.65 17.03 27.18
CA ILE B 442 -5.45 17.59 26.59
C ILE B 442 -5.77 18.25 25.24
N PHE B 443 -5.09 19.36 24.95
CA PHE B 443 -5.13 20.05 23.66
C PHE B 443 -3.81 19.82 22.93
N ARG B 444 -3.83 19.86 21.59
CA ARG B 444 -2.62 19.73 20.75
C ARG B 444 -2.88 20.03 19.27
N ASP B 445 -1.86 19.87 18.43
CA ASP B 445 -1.96 20.03 16.98
C ASP B 445 -1.78 18.71 16.17
N VAL B 446 -1.42 17.59 16.82
CA VAL B 446 -1.24 16.25 16.17
C VAL B 446 -1.82 15.13 17.03
N VAL B 447 -2.65 14.29 16.44
CA VAL B 447 -3.39 13.26 17.19
C VAL B 447 -3.50 11.95 16.41
N SER B 448 -3.17 10.84 17.04
CA SER B 448 -3.46 9.53 16.40
C SER B 448 -4.97 9.27 16.32
N THR B 449 -5.46 8.99 15.11
CA THR B 449 -6.85 8.56 14.85
C THR B 449 -7.07 7.06 15.02
N GLY B 450 -6.04 6.37 15.48
CA GLY B 450 -6.20 5.01 15.93
C GLY B 450 -6.57 4.00 14.84
N THR B 451 -7.22 2.91 15.29
CA THR B 451 -7.56 1.75 14.48
C THR B 451 -9.10 1.56 14.51
N PRO B 452 -9.66 0.71 13.62
CA PRO B 452 -11.12 0.42 13.64
C PRO B 452 -11.66 0.04 15.02
N GLY B 453 -12.73 0.71 15.40
CA GLY B 453 -13.21 0.78 16.75
C GLY B 453 -13.13 2.24 17.18
N ASP B 454 -12.01 2.92 16.96
CA ASP B 454 -11.86 4.30 17.47
C ASP B 454 -12.71 5.31 16.68
N ASN B 455 -13.16 6.37 17.35
CA ASN B 455 -13.74 7.55 16.65
C ASN B 455 -13.12 8.80 17.24
N VAL B 456 -11.82 8.96 16.99
CA VAL B 456 -11.06 10.01 17.60
C VAL B 456 -11.63 11.33 17.16
N THR B 457 -11.90 12.22 18.13
CA THR B 457 -12.72 13.36 17.83
C THR B 457 -12.16 14.62 18.48
N ILE B 458 -12.23 15.77 17.76
CA ILE B 458 -11.56 17.03 18.16
C ILE B 458 -12.45 18.28 18.04
N ARG B 459 -12.09 19.33 18.80
CA ARG B 459 -12.86 20.58 18.83
C ARG B 459 -12.00 21.82 18.79
N PHE B 460 -12.46 22.83 18.06
CA PHE B 460 -11.81 24.16 18.12
C PHE B 460 -12.81 25.26 17.70
N GLN B 461 -12.46 26.51 18.00
CA GLN B 461 -13.24 27.69 17.59
C GLN B 461 -12.46 28.29 16.45
N THR B 462 -13.14 28.97 15.57
CA THR B 462 -12.47 29.64 14.43
C THR B 462 -11.88 31.05 14.72
N ALA B 463 -10.67 31.05 15.30
CA ALA B 463 -10.04 32.23 15.93
C ALA B 463 -8.99 32.90 15.01
N ASN B 464 -9.03 32.61 13.70
CA ASN B 464 -7.80 32.70 12.88
C ASN B 464 -8.09 32.64 11.38
N PRO B 465 -8.49 33.76 10.74
CA PRO B 465 -8.93 33.74 9.34
C PRO B 465 -7.83 33.26 8.38
N GLY B 466 -8.21 32.40 7.46
CA GLY B 466 -7.29 31.86 6.46
C GLY B 466 -7.66 30.44 6.08
N PRO B 467 -6.99 29.88 5.06
CA PRO B 467 -7.08 28.45 4.70
C PRO B 467 -6.05 27.64 5.44
N TRP B 468 -6.46 26.56 6.10
CA TRP B 468 -5.54 25.74 6.91
C TRP B 468 -5.64 24.28 6.56
N PHE B 469 -4.48 23.70 6.26
CA PHE B 469 -4.40 22.33 5.76
C PHE B 469 -4.75 21.44 6.91
N LEU B 470 -5.57 20.44 6.65
CA LEU B 470 -5.80 19.36 7.61
C LEU B 470 -5.56 18.06 6.89
N HIS B 471 -4.55 17.31 7.31
CA HIS B 471 -4.13 16.12 6.58
C HIS B 471 -3.53 15.10 7.51
N CYS B 472 -3.32 13.90 7.02
CA CYS B 472 -2.48 12.96 7.71
C CYS B 472 -1.02 13.41 7.69
N HIS B 473 -0.25 13.18 8.75
CA HIS B 473 1.12 13.68 8.76
C HIS B 473 2.11 12.65 8.41
N ILE B 474 1.61 11.46 8.06
CA ILE B 474 2.39 10.52 7.32
C ILE B 474 2.51 11.18 5.93
N ASP B 475 3.72 11.51 5.50
CA ASP B 475 3.89 12.40 4.35
C ASP B 475 3.49 11.68 3.06
N PHE B 476 3.66 10.37 3.09
CA PHE B 476 3.29 9.51 1.95
C PHE B 476 1.79 9.35 1.69
N HIS B 477 1.00 9.41 2.76
CA HIS B 477 -0.44 9.45 2.64
C HIS B 477 -0.87 10.82 2.20
N LEU B 478 -0.30 11.88 2.79
CA LEU B 478 -0.56 13.26 2.35
C LEU B 478 -0.28 13.32 0.85
N ASP B 479 0.87 12.81 0.43
CA ASP B 479 1.26 12.90 -0.99
C ASP B 479 0.24 12.20 -1.87
N ALA B 480 -0.40 11.16 -1.32
CA ALA B 480 -1.49 10.44 -1.99
C ALA B 480 -2.91 11.01 -1.75
N GLY B 481 -2.97 12.29 -1.39
CA GLY B 481 -4.23 13.00 -1.28
C GLY B 481 -5.07 12.65 -0.06
N PHE B 482 -4.45 12.49 1.11
CA PHE B 482 -5.19 12.22 2.37
C PHE B 482 -5.28 13.52 3.21
N ALA B 483 -6.06 14.45 2.68
CA ALA B 483 -6.02 15.83 3.15
C ALA B 483 -7.26 16.65 2.77
N VAL B 484 -7.54 17.65 3.55
CA VAL B 484 -8.49 18.66 3.20
C VAL B 484 -7.98 20.02 3.65
N VAL B 485 -8.52 21.10 3.08
CA VAL B 485 -8.29 22.46 3.60
C VAL B 485 -9.54 22.96 4.27
N MET B 486 -9.38 23.51 5.48
CA MET B 486 -10.42 24.28 6.15
C MET B 486 -10.18 25.75 5.86
N ALA B 487 -10.98 26.33 4.98
CA ALA B 487 -10.86 27.77 4.70
C ALA B 487 -11.82 28.45 5.65
N GLU B 488 -11.28 29.20 6.60
CA GLU B 488 -12.09 29.78 7.67
C GLU B 488 -12.13 31.30 7.51
N ASP B 489 -13.34 31.83 7.65
CA ASP B 489 -13.63 33.26 7.53
C ASP B 489 -13.09 33.85 6.23
N THR B 490 -13.50 33.23 5.13
CA THR B 490 -13.10 33.69 3.81
C THR B 490 -13.41 35.17 3.56
N PRO B 491 -14.60 35.67 3.97
CA PRO B 491 -14.84 37.12 3.76
C PRO B 491 -13.91 38.04 4.51
N ASP B 492 -13.59 37.71 5.77
CA ASP B 492 -12.55 38.45 6.49
C ASP B 492 -11.12 38.19 6.02
N THR B 493 -10.86 37.07 5.37
CA THR B 493 -9.50 36.50 5.22
C THR B 493 -8.43 37.45 4.66
N THR B 494 -8.73 37.97 3.49
CA THR B 494 -7.84 38.90 2.80
C THR B 494 -7.40 40.13 3.59
N ALA B 495 -8.34 40.74 4.27
CA ALA B 495 -8.05 41.90 5.06
C ALA B 495 -7.17 41.43 6.18
N ALA B 496 -7.54 40.30 6.77
CA ALA B 496 -6.86 39.79 7.94
C ALA B 496 -5.43 39.38 7.66
N ASN B 497 -5.17 38.88 6.44
CA ASN B 497 -3.86 38.29 6.09
C ASN B 497 -3.17 39.12 5.02
N PRO B 498 -2.49 40.21 5.42
CA PRO B 498 -1.99 41.17 4.42
C PRO B 498 -0.67 40.73 3.75
N VAL B 499 -0.80 40.06 2.63
CA VAL B 499 0.32 39.64 1.78
C VAL B 499 1.48 40.66 1.58
N PRO B 500 2.74 40.19 1.68
CA PRO B 500 3.87 40.98 1.22
C PRO B 500 4.23 40.65 -0.22
N GLN B 501 5.00 41.55 -0.82
CA GLN B 501 5.26 41.55 -2.26
C GLN B 501 5.93 40.29 -2.72
N ALA B 502 7.00 39.89 -2.04
CA ALA B 502 7.79 38.72 -2.42
C ALA B 502 6.86 37.49 -2.64
N TRP B 503 5.88 37.33 -1.76
CA TRP B 503 4.92 36.23 -1.82
C TRP B 503 4.10 36.19 -3.14
N SER B 504 3.62 37.34 -3.57
CA SER B 504 2.99 37.47 -4.87
C SER B 504 3.92 37.34 -6.06
N ASP B 505 5.23 37.36 -5.85
CA ASP B 505 6.18 36.93 -6.91
C ASP B 505 6.31 35.41 -7.09
N LEU B 506 5.91 34.62 -6.08
CA LEU B 506 6.18 33.19 -6.08
C LEU B 506 5.52 32.45 -7.24
N CYS B 507 4.22 32.68 -7.43
CA CYS B 507 3.49 32.00 -8.51
C CYS B 507 3.97 32.36 -9.92
N PRO B 508 4.14 33.65 -10.20
CA PRO B 508 4.84 34.08 -11.40
C PRO B 508 6.21 33.42 -11.63
N ILE B 509 7.05 33.37 -10.61
CA ILE B 509 8.34 32.70 -10.80
C ILE B 509 8.17 31.18 -10.99
N TYR B 510 7.28 30.54 -10.23
CA TYR B 510 7.09 29.07 -10.30
C TYR B 510 6.52 28.58 -11.64
N ASP B 511 5.51 29.30 -12.12
CA ASP B 511 4.87 28.97 -13.39
C ASP B 511 5.84 29.12 -14.58
N ALA B 512 6.86 29.97 -14.44
CA ALA B 512 7.86 30.16 -15.47
C ALA B 512 8.64 28.89 -15.75
N LEU B 513 8.87 28.09 -14.73
CA LEU B 513 9.91 27.06 -14.75
C LEU B 513 9.66 25.92 -15.75
N ASP B 514 10.73 25.24 -16.16
CA ASP B 514 10.64 24.01 -16.98
C ASP B 514 10.34 22.90 -15.99
N PRO B 515 9.59 21.85 -16.41
CA PRO B 515 9.33 20.79 -15.44
C PRO B 515 10.58 20.07 -14.96
N SER B 516 11.69 20.14 -15.71
CA SER B 516 12.96 19.54 -15.30
C SER B 516 13.75 20.37 -14.24
N ASP B 517 13.20 21.50 -13.78
CA ASP B 517 13.78 22.34 -12.72
C ASP B 517 12.87 22.46 -11.48
N LEU B 518 11.84 21.62 -11.38
CA LEU B 518 10.96 21.55 -10.19
C LEU B 518 11.61 20.77 -9.03
C1 NAG C . -27.07 2.35 -18.55
C2 NAG C . -27.30 1.66 -19.89
C3 NAG C . -27.73 2.63 -20.96
C4 NAG C . -28.98 3.39 -20.55
C5 NAG C . -29.00 3.84 -19.09
C6 NAG C . -30.18 3.25 -18.34
C7 NAG C . -25.97 -0.16 -20.83
C8 NAG C . -24.60 -0.54 -21.31
N2 NAG C . -26.05 1.08 -20.35
O3 NAG C . -27.97 1.90 -22.17
O4 NAG C . -29.04 4.55 -21.38
O5 NAG C . -27.78 3.58 -18.36
O6 NAG C . -30.57 4.15 -17.30
O7 NAG C . -26.91 -0.93 -20.84
C1 NAG C . -29.92 4.35 -22.48
C2 NAG C . -30.73 5.64 -22.63
C3 NAG C . -31.47 5.74 -23.98
C4 NAG C . -30.75 5.03 -25.15
C5 NAG C . -30.10 3.73 -24.72
C6 NAG C . -29.37 3.07 -25.88
C7 NAG C . -31.58 6.53 -20.50
C8 NAG C . -32.61 6.34 -19.41
N2 NAG C . -31.67 5.67 -21.52
O3 NAG C . -31.63 7.11 -24.32
O4 NAG C . -31.68 4.71 -26.20
O5 NAG C . -29.20 4.01 -23.65
O6 NAG C . -30.32 2.68 -26.88
O7 NAG C . -30.76 7.42 -20.45
C1 MAN C . -32.09 5.73 -27.13
C2 MAN C . -32.66 5.09 -28.40
C3 MAN C . -31.66 4.97 -29.55
C4 MAN C . -30.96 6.30 -29.76
C5 MAN C . -30.28 6.70 -28.45
C6 MAN C . -29.50 8.00 -28.61
O2 MAN C . -33.76 5.91 -28.83
O3 MAN C . -32.31 4.56 -30.76
O4 MAN C . -30.00 6.19 -30.81
O5 MAN C . -31.26 6.86 -27.42
O6 MAN C . -29.22 8.54 -27.32
C1 MAN C . -28.01 9.34 -27.25
C2 MAN C . -27.20 8.98 -26.01
C3 MAN C . -27.88 9.48 -24.73
C4 MAN C . -28.26 10.95 -24.85
C5 MAN C . -29.00 11.24 -26.15
C6 MAN C . -29.18 12.74 -26.35
O2 MAN C . -25.88 9.52 -26.11
O3 MAN C . -27.01 9.31 -23.61
O4 MAN C . -29.09 11.31 -23.74
O5 MAN C . -28.25 10.74 -27.27
O6 MAN C . -27.91 13.28 -26.71
C1 MAN C . -27.96 14.64 -27.13
C2 MAN C . -26.53 15.12 -27.41
C3 MAN C . -25.73 15.29 -26.13
C4 MAN C . -26.51 16.09 -25.09
C5 MAN C . -27.90 15.48 -24.90
C6 MAN C . -28.73 16.22 -23.88
O2 MAN C . -26.57 16.35 -28.13
O3 MAN C . -24.49 15.95 -26.40
O4 MAN C . -25.81 16.11 -23.84
O5 MAN C . -28.58 15.48 -26.16
O6 MAN C . -30.11 15.87 -24.07
C1 NAG D . -14.39 -0.79 -28.71
C2 NAG D . -15.15 0.53 -28.73
C3 NAG D . -16.64 0.23 -28.80
C4 NAG D . -16.94 -0.55 -30.08
C5 NAG D . -16.07 -1.81 -30.14
C6 NAG D . -16.24 -2.50 -31.50
C7 NAG D . -13.89 2.26 -27.52
C8 NAG D . -13.79 3.08 -26.27
N2 NAG D . -14.90 1.37 -27.57
O3 NAG D . -17.39 1.44 -28.76
O4 NAG D . -18.32 -0.90 -30.11
O5 NAG D . -14.69 -1.51 -29.92
O6 NAG D . -15.23 -3.49 -31.71
O7 NAG D . -13.09 2.39 -28.44
C1 NAG D . -19.17 -0.21 -31.08
C2 NAG D . -20.53 -0.90 -30.98
C3 NAG D . -21.46 -0.41 -32.08
C4 NAG D . -21.56 1.11 -32.06
C5 NAG D . -20.17 1.77 -31.98
C6 NAG D . -20.30 3.28 -31.76
C7 NAG D . -20.50 -3.12 -29.99
C8 NAG D . -20.29 -4.58 -30.24
N2 NAG D . -20.37 -2.33 -31.05
O3 NAG D . -22.76 -0.97 -31.88
O4 NAG D . -22.24 1.55 -33.25
O5 NAG D . -19.39 1.20 -30.92
O6 NAG D . -19.90 3.62 -30.42
O7 NAG D . -20.78 -2.68 -28.89
C1 NAG E . -8.57 -16.35 11.85
C2 NAG E . -7.66 -16.25 13.08
C3 NAG E . -7.42 -14.79 13.43
C4 NAG E . -6.95 -13.99 12.22
C5 NAG E . -7.87 -14.24 11.02
C6 NAG E . -7.39 -13.57 9.74
C7 NAG E . -7.73 -17.97 14.81
C8 NAG E . -8.59 -18.66 15.83
N2 NAG E . -8.32 -16.99 14.14
O3 NAG E . -6.44 -14.71 14.47
O4 NAG E . -6.93 -12.58 12.50
O5 NAG E . -7.99 -15.64 10.77
O6 NAG E . -6.30 -14.29 9.17
O7 NAG E . -6.55 -18.27 14.65
C1 NAG E . -5.80 -12.02 13.21
C2 NAG E . -5.02 -11.04 12.34
C3 NAG E . -3.98 -10.26 13.13
C4 NAG E . -4.47 -9.75 14.49
C5 NAG E . -5.24 -10.84 15.21
C6 NAG E . -5.88 -10.34 16.51
C7 NAG E . -4.44 -11.51 9.98
C8 NAG E . -3.62 -12.41 9.09
N2 NAG E . -4.35 -11.79 11.28
O3 NAG E . -3.55 -9.15 12.35
O4 NAG E . -3.34 -9.29 15.28
O5 NAG E . -6.28 -11.35 14.36
O6 NAG E . -7.04 -11.12 16.82
O7 NAG E . -5.10 -10.60 9.50
C1 BMA E . -3.36 -7.95 15.93
C2 BMA E . -2.60 -7.95 17.25
C3 BMA E . -1.41 -6.98 17.26
C4 BMA E . -1.83 -5.58 16.85
C5 BMA E . -2.96 -5.61 15.81
C6 BMA E . -2.83 -4.46 14.80
O2 BMA E . -2.12 -9.26 17.56
O3 BMA E . -0.38 -7.45 16.38
O4 BMA E . -2.26 -4.85 18.02
O5 BMA E . -2.93 -6.87 15.11
O6 BMA E . -4.11 -3.85 14.58
C1 NAG F . -18.10 8.74 14.48
C2 NAG F . -19.04 7.68 13.90
C3 NAG F . -19.92 8.26 12.81
C4 NAG F . -20.57 9.58 13.23
C5 NAG F . -19.56 10.50 13.90
C6 NAG F . -20.25 11.76 14.43
C7 NAG F . -17.93 5.49 14.03
C8 NAG F . -17.23 4.42 13.24
N2 NAG F . -18.31 6.55 13.32
O3 NAG F . -20.94 7.32 12.47
O4 NAG F . -21.08 10.23 12.07
O5 NAG F . -18.88 9.83 14.96
O6 NAG F . -19.64 12.18 15.65
O7 NAG F . -18.14 5.38 15.22
C1 NAG F . -22.50 10.30 11.87
C2 NAG F . -22.76 11.75 11.41
C3 NAG F . -24.11 11.95 10.73
C4 NAG F . -24.50 10.78 9.83
C5 NAG F . -24.29 9.46 10.56
C6 NAG F . -24.73 8.28 9.70
C7 NAG F . -22.14 13.86 12.48
C8 NAG F . -22.20 14.65 13.75
N2 NAG F . -22.68 12.64 12.55
O3 NAG F . -24.09 13.14 9.94
O4 NAG F . -25.88 10.93 9.44
O5 NAG F . -22.92 9.34 10.90
O6 NAG F . -26.15 8.13 9.76
O7 NAG F . -21.61 14.29 11.47
C1 NAG G . 20.15 13.19 -6.90
C2 NAG G . 21.50 12.50 -6.99
C3 NAG G . 21.30 11.01 -7.22
C4 NAG G . 20.39 10.43 -6.15
C5 NAG G . 19.10 11.25 -6.04
C6 NAG G . 18.22 10.76 -4.89
C7 NAG G . 23.52 13.52 -7.88
C8 NAG G . 24.16 14.17 -9.07
N2 NAG G . 22.26 13.13 -8.04
O3 NAG G . 22.57 10.36 -7.17
O4 NAG G . 20.04 9.09 -6.49
O5 NAG G . 19.42 12.61 -5.82
O6 NAG G . 18.83 11.11 -3.65
O7 NAG G . 24.13 13.34 -6.83
C1 NAG G . 21.04 8.05 -6.39
C2 NAG G . 20.48 6.99 -5.47
C3 NAG G . 21.40 5.77 -5.42
C4 NAG G . 21.80 5.27 -6.80
C5 NAG G . 22.25 6.44 -7.69
C6 NAG G . 22.44 6.00 -9.14
C7 NAG G . 19.17 7.64 -3.50
C8 NAG G . 19.24 8.25 -2.12
N2 NAG G . 20.33 7.55 -4.14
O3 NAG G . 20.75 4.72 -4.72
O4 NAG G . 22.87 4.33 -6.65
O5 NAG G . 21.30 7.50 -7.68
O6 NAG G . 21.18 6.09 -9.83
O7 NAG G . 18.12 7.26 -3.97
C1 BMA G . 22.83 2.96 -7.07
C2 BMA G . 24.30 2.62 -7.28
C3 BMA G . 24.42 1.22 -7.88
C4 BMA G . 23.81 0.21 -6.94
C5 BMA G . 22.41 0.64 -6.48
C6 BMA G . 22.00 -0.20 -5.28
O2 BMA G . 24.95 2.63 -6.01
O3 BMA G . 25.81 0.91 -8.10
O4 BMA G . 23.76 -1.07 -7.59
O5 BMA G . 22.33 2.02 -6.11
O6 BMA G . 20.58 -0.36 -5.27
CU CU H . -9.67 -5.17 -12.06
CU CU I . -10.73 -19.76 -14.79
CU CU J . -8.15 -18.25 -12.06
CU CU K . -13.14 -16.99 -12.71
O1 PER L . -10.04 -17.73 -12.02
O2 PER L . -11.38 -17.48 -12.50
C1 PEG M . -8.62 -41.76 -18.93
O1 PEG M . -10.05 -41.84 -18.81
C2 PEG M . -8.04 -42.05 -17.55
O2 PEG M . -6.71 -41.52 -17.39
C3 PEG M . -5.97 -42.10 -16.29
C4 PEG M . -6.23 -41.42 -14.92
O4 PEG M . -7.53 -41.72 -14.36
C1 PEG N . -8.99 -43.48 -12.11
O1 PEG N . -8.83 -42.08 -12.39
C2 PEG N . -10.18 -44.04 -12.90
O2 PEG N . -10.85 -45.06 -12.15
C3 PEG N . -12.17 -45.41 -12.62
C4 PEG N . -13.24 -44.53 -11.95
O4 PEG N . -13.35 -44.71 -10.53
C1 PEG O . -7.94 -40.92 -3.15
O1 PEG O . -6.50 -40.88 -3.01
C2 PEG O . -8.48 -39.64 -3.78
O2 PEG O . -9.91 -39.68 -3.83
C3 PEG O . -10.54 -39.78 -5.12
C4 PEG O . -11.67 -40.82 -5.05
O4 PEG O . -11.91 -41.37 -6.35
C1 PEG P . 6.92 0.58 -10.02
O1 PEG P . 8.00 0.19 -9.15
C2 PEG P . 6.40 -0.63 -10.81
O2 PEG P . 7.51 -1.41 -11.26
C3 PEG P . 7.24 -2.37 -12.30
C4 PEG P . 8.26 -2.24 -13.44
O4 PEG P . 9.46 -3.05 -13.28
C FMT Q . -16.73 -12.73 7.87
O1 FMT Q . -17.54 -13.22 7.10
O2 FMT Q . -15.84 -11.85 7.41
C FMT R . 7.86 -36.05 -15.07
O1 FMT R . 8.16 -35.56 -13.99
O2 FMT R . 7.58 -35.24 -16.08
C FMT S . -22.38 3.77 -12.15
O1 FMT S . -23.54 3.42 -12.30
O2 FMT S . -22.13 4.94 -11.56
C FMT T . -24.77 7.15 -15.72
O1 FMT T . -25.56 6.75 -14.87
O2 FMT T . -23.82 6.30 -16.14
C FMT U . 0.56 -41.49 -15.29
O1 FMT U . -0.58 -41.44 -14.85
O2 FMT U . 0.76 -41.96 -16.52
C FMT V . 2.59 -37.80 -13.07
O1 FMT V . 1.87 -38.77 -12.89
O2 FMT V . 3.13 -37.61 -14.27
C FMT W . -9.17 -4.93 12.16
O1 FMT W . -8.80 -6.09 12.22
O2 FMT W . -8.29 -3.97 12.42
CU CU X . -4.17 -21.53 14.63
CU CU Y . 12.77 -21.64 5.16
O1 PER Z . 3.14 19.99 9.33
O2 PER Z . 2.13 19.92 8.27
CU CU AA . -1.88 8.33 7.21
CU CU BA . 1.57 22.15 10.83
CU CU CA . 0.65 20.18 7.02
CU CU DA . 4.49 19.18 10.41
C1 NAG EA . -19.19 8.50 -1.99
C2 NAG EA . -20.10 9.19 -1.01
C3 NAG EA . -21.26 8.25 -0.76
C4 NAG EA . -21.96 7.95 -2.07
C5 NAG EA . -20.96 7.38 -3.07
C6 NAG EA . -21.62 7.15 -4.42
C7 NAG EA . -19.67 10.54 0.95
C8 NAG EA . -20.37 11.70 0.31
N2 NAG EA . -19.45 9.43 0.25
O3 NAG EA . -22.16 8.83 0.18
O4 NAG EA . -23.03 7.00 -1.85
O5 NAG EA . -19.89 8.29 -3.22
O6 NAG EA . -21.24 8.19 -5.32
O7 NAG EA . -19.29 10.58 2.09
C1 PEG FA . -2.24 0.38 -9.67
O1 PEG FA . -1.21 1.36 -9.90
C2 PEG FA . -3.63 1.03 -9.76
O2 PEG FA . -4.11 1.37 -8.44
C3 PEG FA . -5.38 2.08 -8.37
C4 PEG FA . -5.52 3.22 -9.38
O4 PEG FA . -6.59 4.13 -9.06
C1 PEG GA . -0.98 15.95 -2.31
O1 PEG GA . -0.63 15.87 -3.69
C2 PEG GA . -1.07 17.40 -1.85
O2 PEG GA . 0.22 17.93 -1.54
C3 PEG GA . 0.20 19.35 -1.36
C4 PEG GA . 1.60 19.85 -1.00
O4 PEG GA . 2.51 19.68 -2.10
C1 PEG HA . 7.72 -2.44 21.30
O1 PEG HA . 8.79 -1.98 22.13
C2 PEG HA . 7.20 -1.27 20.46
O2 PEG HA . 6.12 -1.69 19.62
C3 PEG HA . 6.37 -1.74 18.21
C4 PEG HA . 7.15 -3.02 17.87
O4 PEG HA . 7.25 -3.17 16.46
C FMT IA . 14.02 32.36 28.43
O1 FMT IA . 14.88 32.75 27.64
O2 FMT IA . 14.26 31.30 29.19
C FMT JA . 15.01 27.25 34.45
O1 FMT JA . 15.86 26.42 34.71
O2 FMT JA . 15.17 28.01 33.37
C FMT KA . -16.17 -0.71 13.10
O1 FMT KA . -15.24 -1.38 12.70
O2 FMT KA . -16.46 0.42 12.47
C FMT LA . 19.45 -9.82 19.63
O1 FMT LA . 18.76 -8.94 20.14
O2 FMT LA . 20.77 -9.64 19.53
CU CU MA . 26.67 15.37 -4.11
CU CU NA . 30.13 10.24 13.83
#